data_9W7F
#
_entry.id   9W7F
#
_cell.length_a   79.596
_cell.length_b   57.723
_cell.length_c   101.429
_cell.angle_alpha   90.00
_cell.angle_beta   111.44
_cell.angle_gamma   90.00
#
_symmetry.space_group_name_H-M   'P 1 21 1'
#
loop_
_entity.id
_entity.type
_entity.pdbx_description
1 polymer 'Probable methyltransferase EP424R'
2 non-polymer S-ADENOSYLMETHIONINE
3 water water
#
_entity_poly.entity_id   1
_entity_poly.type   'polypeptide(L)'
_entity_poly.pdbx_seq_one_letter_code
;MSNYYYYYGGGRYDWLKTVEPTNFLKIGLPYQAHPLHLQHQATTPPSILEKFKRADILLNEVKAEMDPLMLQPETEKKLF
QILSSIDMFKGLRKKVEFTYNAQIVTNAWLKMYELLNTMNFNNTSQAFCNCELPGGFISAINHFNYTMMHYPTFNWVASS
LYPSSETDALEDHYGLYQCNPDNWLMQSPLLKKNIDYNNGDVTIASNVKNLALRATQRLTPIHLYTADGGINVGHDYNKQ
EELNLKLHFGQALTGLLSLSKGGNMILKHYTLNHAFTLSLICVFSHFFEELYITKPTSSRPTNSETYIVGKNRLRLFTPK
EEQVLLKRLEFFNDTPLVDLSLYQNLLESVYFAVETIHLKQQIEFLNFGMKCYRHFYNKIKLLNDYLAPKKKIFQDRWRV
LNKLYVLEKKHKLKLCASHHHHHHHH
;
_entity_poly.pdbx_strand_id   A,B
#
loop_
_chem_comp.id
_chem_comp.type
_chem_comp.name
_chem_comp.formula
SAM non-polymer S-ADENOSYLMETHIONINE 'C15 H22 N6 O5 S'
#
# COMPACT_ATOMS: atom_id res chain seq x y z
N TYR A 13 38.05 -11.26 2.20
CA TYR A 13 36.94 -10.86 1.29
C TYR A 13 37.54 -10.19 0.05
N ASP A 14 38.64 -10.74 -0.46
CA ASP A 14 39.28 -10.17 -1.67
C ASP A 14 38.24 -10.15 -2.80
N TRP A 15 37.48 -11.24 -2.96
CA TRP A 15 36.51 -11.30 -4.04
C TRP A 15 35.63 -10.05 -4.06
N LEU A 16 35.33 -9.50 -2.88
CA LEU A 16 34.64 -8.22 -2.80
C LEU A 16 35.49 -7.08 -3.37
N LYS A 17 36.71 -6.93 -2.87
CA LYS A 17 37.56 -5.81 -3.24
C LYS A 17 37.86 -5.78 -4.73
N THR A 18 37.73 -6.90 -5.44
CA THR A 18 38.02 -6.95 -6.87
C THR A 18 36.81 -6.71 -7.78
N VAL A 19 35.59 -6.61 -7.24
CA VAL A 19 34.44 -6.36 -8.10
C VAL A 19 34.73 -5.16 -8.99
N GLU A 20 34.39 -5.29 -10.27
CA GLU A 20 34.63 -4.35 -11.35
C GLU A 20 33.31 -3.78 -11.87
N PRO A 21 33.34 -2.59 -12.44
CA PRO A 21 32.12 -2.06 -13.06
C PRO A 21 31.71 -2.87 -14.29
N THR A 22 30.41 -3.02 -14.46
CA THR A 22 29.89 -3.60 -15.68
C THR A 22 30.12 -2.68 -16.86
N ASN A 23 30.04 -3.26 -18.05
CA ASN A 23 30.06 -2.47 -19.27
C ASN A 23 28.67 -2.37 -19.84
N PHE A 24 28.45 -1.32 -20.60
CA PHE A 24 27.23 -1.24 -21.39
C PHE A 24 27.21 -2.40 -22.39
N LEU A 25 26.13 -3.18 -22.39
CA LEU A 25 26.05 -4.37 -23.24
C LEU A 25 25.18 -4.07 -24.47
N LYS A 26 25.79 -4.13 -25.65
CA LYS A 26 25.10 -3.82 -26.89
C LYS A 26 25.33 -4.97 -27.86
N ILE A 27 24.27 -5.57 -28.38
CA ILE A 27 24.40 -6.68 -29.32
C ILE A 27 23.64 -6.38 -30.59
N GLY A 28 24.36 -6.32 -31.70
CA GLY A 28 23.76 -5.96 -32.98
C GLY A 28 22.93 -7.11 -33.55
N LEU A 29 21.80 -6.75 -34.10
CA LEU A 29 21.02 -7.73 -34.83
C LEU A 29 21.00 -7.40 -36.31
N PRO A 30 20.98 -8.43 -37.16
CA PRO A 30 20.98 -8.21 -38.62
C PRO A 30 19.61 -7.80 -39.13
N TYR A 31 19.59 -6.80 -39.98
CA TYR A 31 18.38 -6.47 -40.71
C TYR A 31 18.07 -7.61 -41.69
N GLN A 32 16.80 -7.81 -41.98
CA GLN A 32 16.39 -8.89 -42.86
C GLN A 32 15.97 -8.28 -44.19
N ALA A 33 16.83 -8.43 -45.19
CA ALA A 33 16.52 -7.91 -46.51
C ALA A 33 15.17 -8.42 -46.96
N HIS A 34 14.82 -9.63 -46.56
CA HIS A 34 13.74 -10.36 -47.17
C HIS A 34 12.39 -9.78 -46.76
N PRO A 35 11.39 -9.92 -47.60
CA PRO A 35 10.06 -9.40 -47.26
C PRO A 35 9.44 -10.20 -46.14
N LEU A 36 8.62 -9.54 -45.36
CA LEU A 36 8.08 -10.11 -44.13
C LEU A 36 6.74 -10.77 -44.41
N HIS A 37 6.62 -12.06 -44.17
CA HIS A 37 5.32 -12.71 -44.12
C HIS A 37 4.97 -13.02 -42.67
N LEU A 38 3.85 -12.48 -42.23
CA LEU A 38 3.34 -12.79 -40.90
C LEU A 38 2.58 -14.10 -40.99
N GLN A 39 3.03 -15.10 -40.23
CA GLN A 39 2.52 -16.44 -40.36
C GLN A 39 1.07 -16.52 -39.86
N HIS A 40 0.32 -17.48 -40.40
CA HIS A 40 -1.03 -17.77 -39.94
C HIS A 40 -1.20 -19.21 -39.49
N GLN A 41 -0.23 -20.07 -39.79
CA GLN A 41 -0.14 -21.44 -39.30
C GLN A 41 1.00 -21.56 -38.31
N ALA A 42 1.04 -22.69 -37.61
CA ALA A 42 2.25 -23.05 -36.88
C ALA A 42 3.25 -23.67 -37.83
N THR A 43 4.53 -23.42 -37.56
CA THR A 43 5.62 -24.04 -38.29
C THR A 43 6.51 -24.79 -37.31
N THR A 44 7.13 -25.86 -37.78
CA THR A 44 8.07 -26.55 -36.93
C THR A 44 9.20 -25.58 -36.58
N PRO A 45 9.60 -25.48 -35.32
CA PRO A 45 10.59 -24.49 -34.92
C PRO A 45 12.00 -24.94 -35.28
N PRO A 46 12.93 -24.01 -35.40
CA PRO A 46 14.31 -24.39 -35.68
C PRO A 46 14.97 -24.95 -34.43
N SER A 47 16.00 -25.78 -34.66
CA SER A 47 16.70 -26.43 -33.56
C SER A 47 17.07 -25.45 -32.45
N ILE A 48 17.60 -24.28 -32.85
CA ILE A 48 18.16 -23.33 -31.90
C ILE A 48 17.16 -22.94 -30.83
N LEU A 49 15.87 -23.20 -31.05
CA LEU A 49 14.91 -22.89 -30.01
C LEU A 49 15.16 -23.75 -28.77
N GLU A 50 15.57 -25.01 -28.97
CA GLU A 50 15.97 -25.81 -27.83
C GLU A 50 17.08 -25.12 -27.04
N LYS A 51 17.91 -24.33 -27.71
CA LYS A 51 18.98 -23.65 -26.99
C LYS A 51 18.42 -22.53 -26.11
N PHE A 52 17.54 -21.69 -26.68
CA PHE A 52 16.83 -20.69 -25.89
C PHE A 52 16.07 -21.34 -24.74
N LYS A 53 15.44 -22.49 -25.01
CA LYS A 53 14.71 -23.21 -23.98
C LYS A 53 15.66 -23.70 -22.88
N ARG A 54 16.84 -24.16 -23.26
CA ARG A 54 17.87 -24.53 -22.31
C ARG A 54 18.34 -23.32 -21.51
N ALA A 55 18.36 -22.14 -22.13
CA ALA A 55 18.68 -20.93 -21.38
C ALA A 55 17.57 -20.58 -20.40
N ASP A 56 16.32 -20.76 -20.79
CA ASP A 56 15.24 -20.42 -19.88
C ASP A 56 15.30 -21.27 -18.62
N ILE A 57 15.54 -22.57 -18.76
CA ILE A 57 15.58 -23.46 -17.60
C ILE A 57 16.73 -23.09 -16.70
N LEU A 58 17.90 -22.83 -17.29
CA LEU A 58 19.06 -22.46 -16.51
C LEU A 58 18.82 -21.15 -15.77
N LEU A 59 18.43 -20.10 -16.50
CA LEU A 59 18.23 -18.83 -15.82
C LEU A 59 17.19 -18.95 -14.72
N ASN A 60 16.14 -19.74 -14.98
CA ASN A 60 15.14 -19.98 -13.94
C ASN A 60 15.71 -20.75 -12.75
N GLU A 61 16.67 -21.65 -12.99
CA GLU A 61 17.24 -22.41 -11.89
C GLU A 61 18.02 -21.52 -10.93
N VAL A 62 18.90 -20.69 -11.47
CA VAL A 62 19.70 -19.79 -10.64
C VAL A 62 18.79 -18.87 -9.84
N LYS A 63 17.78 -18.29 -10.50
CA LYS A 63 16.81 -17.47 -9.80
C LYS A 63 16.18 -18.25 -8.65
N ALA A 64 15.83 -19.51 -8.90
CA ALA A 64 15.24 -20.35 -7.87
C ALA A 64 16.12 -20.39 -6.63
N GLU A 65 17.44 -20.28 -6.81
CA GLU A 65 18.33 -20.39 -5.66
C GLU A 65 18.00 -19.42 -4.54
N MET A 66 17.28 -18.34 -4.83
CA MET A 66 16.84 -17.49 -3.74
C MET A 66 15.52 -17.94 -3.14
N ASP A 67 14.90 -18.96 -3.70
CA ASP A 67 13.65 -19.48 -3.12
C ASP A 67 13.75 -19.74 -1.63
N PRO A 68 14.78 -20.40 -1.11
CA PRO A 68 14.78 -20.67 0.33
C PRO A 68 14.70 -19.40 1.15
N LEU A 69 15.32 -18.33 0.68
CA LEU A 69 15.30 -17.10 1.48
C LEU A 69 13.91 -16.49 1.53
N MET A 70 13.07 -16.78 0.53
CA MET A 70 11.76 -16.16 0.38
C MET A 70 10.68 -16.78 1.25
N LEU A 71 11.01 -17.75 2.10
CA LEU A 71 10.01 -18.48 2.88
C LEU A 71 9.79 -17.87 4.26
N GLN A 72 10.83 -17.40 4.91
CA GLN A 72 10.65 -16.68 6.16
C GLN A 72 10.79 -15.18 5.90
N PRO A 73 9.85 -14.36 6.36
CA PRO A 73 10.01 -12.90 6.16
C PRO A 73 11.34 -12.39 6.67
N GLU A 74 11.87 -12.99 7.74
CA GLU A 74 13.15 -12.58 8.30
C GLU A 74 14.25 -12.63 7.23
N THR A 75 14.57 -13.84 6.76
CA THR A 75 15.62 -13.97 5.76
C THR A 75 15.29 -13.16 4.50
N GLU A 76 14.01 -12.94 4.21
CA GLU A 76 13.69 -12.16 3.03
C GLU A 76 14.07 -10.70 3.22
N LYS A 77 13.88 -10.17 4.43
CA LYS A 77 14.37 -8.83 4.72
C LYS A 77 15.88 -8.78 4.57
N LYS A 78 16.58 -9.77 5.12
CA LYS A 78 18.02 -9.76 4.97
C LYS A 78 18.41 -9.87 3.51
N LEU A 79 17.59 -10.56 2.71
CA LEU A 79 17.92 -10.71 1.30
C LEU A 79 17.89 -9.37 0.59
N PHE A 80 16.82 -8.62 0.75
CA PHE A 80 16.73 -7.32 0.08
C PHE A 80 17.78 -6.36 0.61
N GLN A 81 18.01 -6.37 1.92
CA GLN A 81 19.12 -5.59 2.47
C GLN A 81 20.43 -5.89 1.73
N ILE A 82 20.72 -7.18 1.54
CA ILE A 82 21.95 -7.60 0.86
C ILE A 82 21.92 -7.16 -0.59
N LEU A 83 20.75 -7.25 -1.23
CA LEU A 83 20.67 -6.76 -2.61
C LEU A 83 20.85 -5.26 -2.65
N SER A 84 20.19 -4.53 -1.76
CA SER A 84 20.44 -3.10 -1.66
C SER A 84 21.93 -2.80 -1.51
N SER A 85 22.60 -3.54 -0.61
CA SER A 85 23.99 -3.25 -0.31
C SER A 85 24.90 -3.44 -1.52
N ILE A 86 24.56 -4.35 -2.44
CA ILE A 86 25.39 -4.60 -3.61
C ILE A 86 25.02 -3.71 -4.79
N ASP A 87 23.96 -2.93 -4.68
CA ASP A 87 23.52 -2.06 -5.77
C ASP A 87 24.53 -0.92 -5.93
N MET A 88 25.47 -1.08 -6.86
CA MET A 88 26.58 -0.14 -6.92
C MET A 88 26.15 1.26 -7.33
N PHE A 89 24.94 1.43 -7.85
CA PHE A 89 24.60 2.78 -8.37
C PHE A 89 23.62 3.47 -7.46
N LYS A 90 23.37 2.94 -6.29
CA LYS A 90 22.31 3.49 -5.41
C LYS A 90 22.21 5.01 -5.22
N GLY A 91 23.25 5.70 -4.73
CA GLY A 91 23.05 7.12 -4.46
C GLY A 91 23.41 7.97 -5.66
N LEU A 92 23.31 7.40 -6.88
CA LEU A 92 23.61 8.16 -8.08
C LEU A 92 22.44 9.03 -8.50
N ARG A 93 21.22 8.47 -8.44
CA ARG A 93 20.03 9.24 -8.74
C ARG A 93 20.02 10.56 -8.00
N LYS A 94 20.35 10.54 -6.71
CA LYS A 94 20.25 11.76 -5.93
C LYS A 94 21.40 12.71 -6.26
N LYS A 95 22.58 12.15 -6.52
CA LYS A 95 23.68 12.98 -6.97
C LYS A 95 23.33 13.65 -8.29
N VAL A 96 22.79 12.88 -9.23
CA VAL A 96 22.41 13.41 -10.53
C VAL A 96 21.32 14.45 -10.37
N GLU A 97 20.29 14.12 -9.59
CA GLU A 97 19.12 15.04 -9.46
C GLU A 97 19.62 16.41 -8.98
N PHE A 98 20.56 16.43 -8.05
CA PHE A 98 21.02 17.72 -7.46
C PHE A 98 22.09 18.36 -8.31
N THR A 99 23.19 17.64 -8.57
CA THR A 99 24.31 18.24 -9.27
C THR A 99 23.89 18.96 -10.55
N TYR A 100 22.76 18.55 -11.16
CA TYR A 100 22.47 18.97 -12.53
C TYR A 100 21.02 19.38 -12.78
N ASN A 101 20.20 19.55 -11.74
CA ASN A 101 18.84 20.05 -11.93
C ASN A 101 17.92 19.04 -12.60
N ALA A 102 18.16 17.76 -12.42
CA ALA A 102 17.35 16.81 -13.16
C ALA A 102 16.05 16.53 -12.40
N GLN A 103 15.10 15.92 -13.12
CA GLN A 103 13.76 15.67 -12.60
C GLN A 103 13.39 14.20 -12.75
N ILE A 104 12.44 13.75 -11.92
CA ILE A 104 11.96 12.37 -11.94
C ILE A 104 13.16 11.45 -12.17
N VAL A 105 14.23 11.68 -11.43
CA VAL A 105 15.45 10.90 -11.62
C VAL A 105 15.11 9.66 -10.81
N THR A 106 14.30 8.79 -11.41
CA THR A 106 14.19 7.39 -11.02
C THR A 106 15.32 6.61 -11.67
N ASN A 107 15.40 5.31 -11.36
CA ASN A 107 16.40 4.52 -12.07
C ASN A 107 16.11 4.51 -13.55
N ALA A 108 14.83 4.63 -13.93
CA ALA A 108 14.49 4.72 -15.33
C ALA A 108 15.13 5.94 -15.98
N TRP A 109 15.28 7.04 -15.22
CA TRP A 109 15.91 8.24 -15.78
C TRP A 109 17.33 7.95 -16.22
N LEU A 110 18.09 7.23 -15.37
CA LEU A 110 19.47 6.91 -15.70
C LEU A 110 19.54 5.97 -16.90
N LYS A 111 18.64 5.00 -16.95
CA LYS A 111 18.67 4.07 -18.07
C LYS A 111 18.44 4.83 -19.36
N MET A 112 17.34 5.57 -19.45
CA MET A 112 17.11 6.30 -20.67
C MET A 112 18.28 7.23 -20.96
N TYR A 113 18.81 7.88 -19.92
CA TYR A 113 19.90 8.81 -20.17
C TYR A 113 21.13 8.07 -20.69
N GLU A 114 21.46 6.95 -20.06
CA GLU A 114 22.56 6.14 -20.58
C GLU A 114 22.27 5.69 -22.01
N LEU A 115 21.05 5.26 -22.31
CA LEU A 115 20.71 4.86 -23.67
C LEU A 115 20.92 6.01 -24.65
N LEU A 116 20.42 7.20 -24.31
CA LEU A 116 20.62 8.36 -25.17
C LEU A 116 22.09 8.60 -25.48
N ASN A 117 22.96 8.38 -24.48
CA ASN A 117 24.36 8.76 -24.61
C ASN A 117 25.18 7.73 -25.35
N THR A 118 24.65 6.53 -25.54
CA THR A 118 25.39 5.43 -26.13
C THR A 118 24.97 5.15 -27.56
N MET A 119 23.68 5.28 -27.83
CA MET A 119 23.09 4.71 -29.03
C MET A 119 23.28 5.59 -30.23
N ASN A 120 23.63 6.85 -30.03
CA ASN A 120 23.84 7.77 -31.14
C ASN A 120 22.61 7.87 -32.03
N PHE A 121 21.49 8.21 -31.41
CA PHE A 121 20.27 8.37 -32.18
C PHE A 121 20.42 9.52 -33.18
N ASN A 122 19.86 9.34 -34.36
CA ASN A 122 19.93 10.38 -35.36
C ASN A 122 19.04 11.56 -34.98
N ASN A 123 18.14 11.37 -34.01
CA ASN A 123 17.14 12.37 -33.70
C ASN A 123 16.37 11.96 -32.44
N THR A 124 16.16 12.89 -31.49
CA THR A 124 15.48 12.58 -30.20
C THR A 124 14.44 13.65 -29.92
N SER A 125 14.00 14.38 -30.94
CA SER A 125 13.11 15.57 -30.78
C SER A 125 11.62 15.29 -30.58
N GLN A 126 11.03 14.26 -31.15
CA GLN A 126 9.56 14.10 -31.06
C GLN A 126 9.29 12.76 -30.41
N ALA A 127 9.05 12.77 -29.10
CA ALA A 127 9.10 11.53 -28.35
C ALA A 127 7.70 11.14 -27.91
N PHE A 128 7.29 9.93 -28.28
CA PHE A 128 6.07 9.32 -27.79
C PHE A 128 6.51 8.29 -26.76
N CYS A 129 6.36 8.63 -25.48
CA CYS A 129 6.80 7.78 -24.38
C CYS A 129 5.59 7.06 -23.80
N ASN A 130 5.48 5.75 -24.08
CA ASN A 130 4.30 4.96 -23.65
C ASN A 130 4.63 4.12 -22.42
N CYS A 131 3.62 3.56 -21.73
CA CYS A 131 3.90 2.85 -20.46
C CYS A 131 4.95 3.71 -19.74
N GLU A 132 4.66 5.00 -19.59
CA GLU A 132 5.69 5.93 -19.09
C GLU A 132 5.54 6.35 -17.63
N LEU A 133 4.33 6.28 -17.06
CA LEU A 133 4.11 6.76 -15.67
C LEU A 133 5.14 6.11 -14.73
N PRO A 134 5.84 6.88 -13.86
CA PRO A 134 5.56 8.30 -13.68
C PRO A 134 6.09 9.14 -14.83
N GLY A 135 7.41 9.10 -15.06
CA GLY A 135 7.95 9.83 -16.23
C GLY A 135 9.45 10.04 -16.17
N GLY A 136 10.22 9.03 -15.74
CA GLY A 136 11.66 9.20 -15.81
C GLY A 136 12.18 9.28 -17.23
N PHE A 137 11.71 8.39 -18.11
CA PHE A 137 12.14 8.43 -19.51
C PHE A 137 11.87 9.80 -20.11
N ILE A 138 10.65 10.29 -19.93
CA ILE A 138 10.29 11.64 -20.47
C ILE A 138 11.28 12.67 -19.92
N SER A 139 11.53 12.65 -18.60
CA SER A 139 12.47 13.62 -17.97
C SER A 139 13.87 13.47 -18.59
N ALA A 140 14.37 12.24 -18.69
CA ALA A 140 15.68 11.98 -19.27
C ALA A 140 15.80 12.60 -20.67
N ILE A 141 14.78 12.41 -21.51
CA ILE A 141 14.90 12.92 -22.87
C ILE A 141 14.79 14.43 -22.86
N ASN A 142 13.86 14.99 -22.09
CA ASN A 142 13.82 16.43 -21.91
C ASN A 142 15.19 17.00 -21.57
N HIS A 143 15.85 16.38 -20.58
CA HIS A 143 17.10 16.90 -20.05
C HIS A 143 18.23 16.74 -21.07
N PHE A 144 18.36 15.55 -21.64
CA PHE A 144 19.33 15.30 -22.69
C PHE A 144 19.08 16.21 -23.89
N ASN A 145 17.81 16.42 -24.26
CA ASN A 145 17.49 17.23 -25.44
C ASN A 145 17.90 18.68 -25.25
N TYR A 146 17.67 19.25 -24.08
CA TYR A 146 17.92 20.68 -23.91
C TYR A 146 19.35 20.96 -23.49
N THR A 147 20.06 19.97 -22.95
CA THR A 147 21.45 20.20 -22.60
C THR A 147 22.45 19.60 -23.60
N MET A 148 22.06 18.65 -24.44
CA MET A 148 23.01 18.11 -25.41
C MET A 148 22.64 18.32 -26.85
N MET A 149 21.36 18.14 -27.21
CA MET A 149 20.94 18.37 -28.58
C MET A 149 20.58 19.81 -28.87
N HIS A 150 20.14 20.51 -27.84
CA HIS A 150 19.77 21.93 -28.03
C HIS A 150 18.73 22.04 -29.15
N TYR A 151 17.72 21.17 -29.12
CA TYR A 151 16.60 21.32 -30.08
C TYR A 151 15.77 22.52 -29.60
N PRO A 152 15.50 23.51 -30.47
CA PRO A 152 14.79 24.72 -30.06
C PRO A 152 13.66 24.49 -29.08
N THR A 153 12.72 23.63 -29.45
CA THR A 153 11.65 23.27 -28.53
C THR A 153 11.62 21.76 -28.55
N PHE A 154 11.11 21.16 -27.49
CA PHE A 154 10.98 19.70 -27.41
C PHE A 154 9.55 19.28 -27.17
N ASN A 155 8.97 18.55 -28.10
CA ASN A 155 7.58 18.16 -28.04
C ASN A 155 7.44 16.67 -27.79
N TRP A 156 6.52 16.31 -26.91
CA TRP A 156 6.37 14.93 -26.51
C TRP A 156 4.91 14.64 -26.18
N VAL A 157 4.44 13.47 -26.58
CA VAL A 157 3.20 12.90 -26.05
C VAL A 157 3.59 11.73 -25.18
N ALA A 158 2.72 11.42 -24.21
CA ALA A 158 2.95 10.29 -23.33
C ALA A 158 1.62 9.58 -23.09
N SER A 159 1.71 8.32 -22.67
CA SER A 159 0.52 7.57 -22.26
C SER A 159 0.96 6.49 -21.27
N SER A 160 0.02 5.96 -20.47
CA SER A 160 0.30 4.88 -19.49
C SER A 160 -1.03 4.34 -18.99
N LEU A 161 -1.04 3.11 -18.48
CA LEU A 161 -2.24 2.55 -17.86
C LEU A 161 -2.70 3.54 -16.79
N TYR A 162 -3.88 4.10 -16.96
CA TYR A 162 -4.42 5.06 -15.97
C TYR A 162 -4.63 4.29 -14.68
N PRO A 163 -4.01 4.76 -13.58
CA PRO A 163 -4.10 4.05 -12.31
C PRO A 163 -5.44 4.32 -11.61
N GLU A 171 1.60 4.99 -11.58
CA GLU A 171 1.17 6.20 -10.88
C GLU A 171 1.97 7.46 -11.24
N ASP A 172 1.30 8.62 -11.16
CA ASP A 172 1.91 9.91 -11.46
C ASP A 172 2.31 10.56 -10.14
N HIS A 173 3.42 10.08 -9.57
CA HIS A 173 3.88 10.59 -8.28
C HIS A 173 4.32 12.05 -8.36
N TYR A 174 4.85 12.47 -9.51
CA TYR A 174 5.41 13.80 -9.65
C TYR A 174 4.47 14.79 -10.32
N GLY A 175 3.24 14.37 -10.64
CA GLY A 175 2.34 15.29 -11.31
C GLY A 175 2.77 15.64 -12.71
N LEU A 176 3.44 14.71 -13.39
CA LEU A 176 3.70 14.90 -14.80
C LEU A 176 2.45 14.64 -15.64
N TYR A 177 1.57 13.77 -15.19
CA TYR A 177 0.31 13.66 -15.89
C TYR A 177 -0.61 14.83 -15.55
N GLN A 178 -0.68 15.19 -14.27
CA GLN A 178 -1.66 16.18 -13.86
C GLN A 178 -1.36 17.55 -14.45
N CYS A 179 -0.09 17.96 -14.42
CA CYS A 179 0.27 19.28 -14.92
C CYS A 179 0.29 19.38 -16.45
N ASN A 180 0.36 18.26 -17.18
CA ASN A 180 0.67 18.32 -18.59
C ASN A 180 -0.38 17.64 -19.45
N PRO A 181 -1.67 17.86 -19.19
CA PRO A 181 -2.72 17.07 -19.84
C PRO A 181 -2.79 17.19 -21.36
N ASP A 182 -2.25 18.25 -21.96
CA ASP A 182 -2.23 18.34 -23.42
C ASP A 182 -1.22 17.38 -24.05
N ASN A 183 -0.52 16.58 -23.23
CA ASN A 183 0.50 15.65 -23.68
C ASN A 183 0.14 14.19 -23.46
N TRP A 184 -0.63 13.88 -22.42
CA TRP A 184 -0.97 12.49 -22.21
C TRP A 184 -2.21 12.11 -23.02
N LEU A 185 -2.26 10.84 -23.40
CA LEU A 185 -3.21 10.34 -24.38
C LEU A 185 -4.24 9.38 -23.80
N MET A 186 -4.24 9.15 -22.49
CA MET A 186 -5.19 8.24 -21.88
C MET A 186 -6.05 9.03 -20.90
N GLN A 187 -7.25 8.52 -20.63
CA GLN A 187 -8.24 9.23 -19.84
C GLN A 187 -8.32 8.69 -18.42
N SER A 188 -8.91 9.50 -17.55
CA SER A 188 -9.21 9.04 -16.21
C SER A 188 -10.46 8.17 -16.22
N PRO A 189 -10.61 7.29 -15.23
CA PRO A 189 -11.80 6.42 -15.19
C PRO A 189 -13.07 7.22 -15.35
N LEU A 190 -13.06 8.45 -14.86
CA LEU A 190 -14.29 9.30 -14.93
C LEU A 190 -14.76 9.44 -16.38
N LEU A 191 -13.97 8.98 -17.35
CA LEU A 191 -14.33 9.08 -18.79
C LEU A 191 -14.74 7.77 -19.46
N LYS A 192 -14.99 6.71 -18.68
CA LYS A 192 -15.30 5.41 -19.26
C LYS A 192 -16.42 5.46 -20.30
N LYS A 193 -17.28 6.50 -20.26
CA LYS A 193 -18.34 6.77 -21.27
C LYS A 193 -18.96 5.49 -21.83
N TYR A 197 -13.02 6.53 -25.09
CA TYR A 197 -12.38 6.17 -23.83
C TYR A 197 -11.27 5.17 -24.02
N ASN A 198 -10.06 5.61 -23.73
CA ASN A 198 -8.85 4.80 -23.84
C ASN A 198 -8.07 5.00 -22.56
N ASN A 199 -8.00 3.95 -21.73
CA ASN A 199 -7.34 3.98 -20.44
C ASN A 199 -5.84 3.73 -20.52
N GLY A 200 -5.28 3.83 -21.72
CA GLY A 200 -3.87 3.62 -21.94
C GLY A 200 -3.39 2.20 -21.78
N ASP A 201 -4.30 1.24 -21.64
CA ASP A 201 -3.93 -0.17 -21.49
C ASP A 201 -3.57 -0.73 -22.85
N VAL A 202 -2.31 -1.14 -23.03
CA VAL A 202 -1.81 -1.44 -24.36
C VAL A 202 -1.98 -2.92 -24.68
N THR A 203 -2.76 -3.62 -23.87
CA THR A 203 -3.15 -4.98 -24.22
C THR A 203 -4.48 -5.02 -24.94
N ILE A 204 -5.27 -3.96 -24.85
CA ILE A 204 -6.48 -3.84 -25.65
C ILE A 204 -6.11 -3.30 -27.02
N ALA A 205 -6.43 -4.07 -28.07
CA ALA A 205 -6.03 -3.71 -29.44
C ALA A 205 -6.59 -2.36 -29.83
N SER A 206 -7.87 -2.13 -29.55
CA SER A 206 -8.49 -0.86 -29.88
C SER A 206 -7.81 0.30 -29.17
N ASN A 207 -7.27 0.08 -27.97
CA ASN A 207 -6.54 1.16 -27.29
C ASN A 207 -5.23 1.46 -28.00
N VAL A 208 -4.56 0.43 -28.52
CA VAL A 208 -3.27 0.65 -29.17
C VAL A 208 -3.48 1.42 -30.47
N LYS A 209 -4.47 1.00 -31.26
CA LYS A 209 -4.84 1.77 -32.44
C LYS A 209 -5.17 3.20 -32.07
N ASN A 210 -5.95 3.38 -31.01
CA ASN A 210 -6.35 4.72 -30.67
C ASN A 210 -5.15 5.55 -30.21
N LEU A 211 -4.35 5.00 -29.30
CA LEU A 211 -3.18 5.73 -28.82
C LEU A 211 -2.27 6.15 -29.97
N ALA A 212 -2.03 5.24 -30.91
CA ALA A 212 -1.15 5.58 -32.02
C ALA A 212 -1.74 6.72 -32.83
N LEU A 213 -3.06 6.67 -33.04
CA LEU A 213 -3.72 7.69 -33.82
C LEU A 213 -3.62 9.03 -33.11
N ARG A 214 -4.07 9.08 -31.85
CA ARG A 214 -3.87 10.28 -31.03
C ARG A 214 -2.45 10.80 -31.17
N ALA A 215 -1.47 9.93 -30.90
CA ALA A 215 -0.08 10.34 -30.91
C ALA A 215 0.28 11.03 -32.22
N THR A 216 -0.11 10.43 -33.34
CA THR A 216 0.20 11.00 -34.66
C THR A 216 -0.78 12.10 -35.01
N GLN A 217 -1.75 12.39 -34.13
CA GLN A 217 -2.79 13.39 -34.47
C GLN A 217 -2.41 14.76 -33.91
N ARG A 218 -1.43 14.82 -33.00
CA ARG A 218 -1.08 16.10 -32.35
C ARG A 218 0.43 16.31 -32.33
N LEU A 219 1.19 15.44 -33.02
CA LEU A 219 2.67 15.53 -32.98
C LEU A 219 3.25 14.77 -34.17
N THR A 220 3.71 15.49 -35.20
CA THR A 220 4.20 14.82 -36.42
C THR A 220 5.47 15.52 -36.88
N PRO A 221 6.54 14.74 -37.20
CA PRO A 221 6.46 13.29 -37.09
C PRO A 221 6.81 12.81 -35.69
N ILE A 222 6.94 11.50 -35.51
CA ILE A 222 7.38 10.94 -34.20
C ILE A 222 8.78 10.36 -34.42
N HIS A 223 9.82 11.02 -33.90
CA HIS A 223 11.16 10.52 -34.17
C HIS A 223 11.64 9.50 -33.15
N LEU A 224 11.01 9.45 -31.98
CA LEU A 224 11.45 8.57 -30.91
C LEU A 224 10.21 8.03 -30.21
N TYR A 225 10.10 6.71 -30.21
CA TYR A 225 9.08 6.01 -29.46
C TYR A 225 9.78 5.23 -28.36
N THR A 226 9.27 5.30 -27.15
CA THR A 226 9.82 4.52 -26.05
C THR A 226 8.65 3.89 -25.31
N ALA A 227 8.87 2.67 -24.81
CA ALA A 227 7.83 1.97 -24.06
C ALA A 227 8.50 1.10 -23.00
N ASP A 228 8.23 1.39 -21.74
CA ASP A 228 8.94 0.78 -20.62
C ASP A 228 7.99 -0.06 -19.77
N GLY A 229 7.07 -0.75 -20.43
CA GLY A 229 6.06 -1.46 -19.72
C GLY A 229 6.57 -2.75 -19.11
N GLY A 230 5.86 -3.18 -18.08
CA GLY A 230 6.19 -4.43 -17.41
C GLY A 230 5.08 -4.53 -16.38
N ILE A 231 4.60 -5.75 -16.13
CA ILE A 231 3.98 -6.27 -14.91
C ILE A 231 5.08 -6.74 -13.95
N ASN A 232 4.72 -7.05 -12.71
CA ASN A 232 5.63 -7.79 -11.84
C ASN A 232 4.87 -8.87 -11.07
N VAL A 233 5.65 -9.72 -10.40
CA VAL A 233 5.15 -10.98 -9.83
C VAL A 233 5.81 -11.38 -8.51
N TYR A 237 8.75 -14.77 -11.37
CA TYR A 237 9.99 -14.55 -12.12
C TYR A 237 10.24 -15.68 -13.11
N ASN A 238 9.60 -16.82 -12.89
CA ASN A 238 9.79 -17.96 -13.77
C ASN A 238 8.95 -17.82 -15.04
N LYS A 239 7.88 -17.02 -14.97
CA LYS A 239 7.05 -16.70 -16.12
C LYS A 239 6.95 -15.19 -16.31
N GLN A 240 8.00 -14.45 -15.94
CA GLN A 240 7.95 -12.99 -16.07
C GLN A 240 7.85 -12.57 -17.52
N GLU A 241 8.76 -13.08 -18.36
CA GLU A 241 8.61 -12.88 -19.80
C GLU A 241 7.19 -13.22 -20.26
N GLU A 242 6.70 -14.42 -19.90
CA GLU A 242 5.42 -14.89 -20.41
C GLU A 242 4.26 -14.02 -19.93
N LEU A 243 4.20 -13.74 -18.63
CA LEU A 243 3.21 -12.80 -18.13
C LEU A 243 3.22 -11.48 -18.91
N ASN A 244 4.38 -11.09 -19.44
CA ASN A 244 4.55 -9.78 -20.04
C ASN A 244 4.44 -9.78 -21.56
N LEU A 245 4.13 -10.92 -22.19
CA LEU A 245 4.19 -10.99 -23.64
C LEU A 245 3.15 -10.06 -24.28
N LYS A 246 1.89 -10.24 -23.92
CA LYS A 246 0.84 -9.40 -24.48
C LYS A 246 1.15 -7.92 -24.24
N LEU A 247 1.71 -7.60 -23.07
CA LEU A 247 2.07 -6.23 -22.76
C LEU A 247 3.18 -5.75 -23.69
N HIS A 248 4.23 -6.57 -23.86
CA HIS A 248 5.35 -6.16 -24.68
C HIS A 248 4.99 -6.17 -26.14
N PHE A 249 3.86 -6.77 -26.49
CA PHE A 249 3.42 -6.78 -27.86
C PHE A 249 2.59 -5.54 -28.19
N GLY A 250 1.66 -5.18 -27.30
CA GLY A 250 0.96 -3.92 -27.46
C GLY A 250 1.91 -2.74 -27.45
N GLN A 251 2.83 -2.72 -26.48
CA GLN A 251 3.92 -1.75 -26.44
C GLN A 251 4.51 -1.49 -27.81
N ALA A 252 4.90 -2.57 -28.48
CA ALA A 252 5.57 -2.53 -29.75
C ALA A 252 4.62 -2.27 -30.90
N LEU A 253 3.36 -2.68 -30.75
CA LEU A 253 2.37 -2.38 -31.78
C LEU A 253 2.08 -0.89 -31.81
N THR A 254 1.96 -0.30 -30.63
CA THR A 254 1.79 1.14 -30.51
C THR A 254 2.93 1.87 -31.20
N GLY A 255 4.16 1.46 -30.91
CA GLY A 255 5.28 2.13 -31.53
C GLY A 255 5.26 2.00 -33.03
N LEU A 256 5.16 0.79 -33.52
CA LEU A 256 5.25 0.60 -34.96
C LEU A 256 4.08 1.23 -35.70
N LEU A 257 2.99 1.56 -35.01
CA LEU A 257 1.86 2.27 -35.64
C LEU A 257 2.00 3.79 -35.53
N SER A 258 3.08 4.31 -34.97
CA SER A 258 3.23 5.76 -34.69
C SER A 258 4.61 6.27 -35.12
N LEU A 259 5.63 5.44 -35.00
CA LEU A 259 7.03 5.83 -35.32
C LEU A 259 7.15 6.15 -36.81
N SER A 260 7.61 7.36 -37.10
CA SER A 260 7.64 7.72 -38.50
C SER A 260 8.95 7.25 -39.12
N LYS A 261 8.93 7.13 -40.45
CA LYS A 261 10.14 6.74 -41.15
C LYS A 261 11.31 7.54 -40.59
N GLY A 262 12.42 6.84 -40.37
CA GLY A 262 13.60 7.42 -39.82
C GLY A 262 13.64 7.46 -38.32
N GLY A 263 12.51 7.26 -37.65
CA GLY A 263 12.46 7.40 -36.21
C GLY A 263 13.13 6.24 -35.48
N ASN A 264 13.14 6.40 -34.17
CA ASN A 264 13.90 5.54 -33.29
C ASN A 264 12.98 4.99 -32.21
N MET A 265 13.43 3.90 -31.61
CA MET A 265 12.59 3.04 -30.82
C MET A 265 13.38 2.51 -29.64
N ILE A 266 12.76 2.50 -28.46
CA ILE A 266 13.35 1.90 -27.27
C ILE A 266 12.26 1.12 -26.55
N LEU A 267 12.44 -0.19 -26.37
CA LEU A 267 11.42 -1.08 -25.84
C LEU A 267 12.00 -1.89 -24.69
N LYS A 268 11.27 -1.96 -23.56
CA LYS A 268 11.72 -2.78 -22.45
C LYS A 268 11.26 -4.22 -22.65
N HIS A 269 12.21 -5.14 -22.53
CA HIS A 269 11.89 -6.55 -22.51
C HIS A 269 12.54 -7.21 -21.33
N TYR A 270 12.43 -8.52 -21.26
CA TYR A 270 13.12 -9.24 -20.21
C TYR A 270 14.07 -10.33 -20.66
N THR A 271 13.60 -11.59 -20.63
CA THR A 271 14.50 -12.70 -20.94
C THR A 271 14.70 -12.91 -22.44
N LEU A 272 13.65 -12.77 -23.24
CA LEU A 272 13.80 -13.09 -24.68
C LEU A 272 14.02 -14.58 -24.97
N ASN A 273 13.42 -15.50 -24.22
CA ASN A 273 13.59 -16.92 -24.56
C ASN A 273 12.36 -17.52 -25.21
N HIS A 274 11.20 -16.92 -25.02
CA HIS A 274 9.97 -17.43 -25.59
C HIS A 274 9.94 -17.20 -27.10
N ALA A 275 9.36 -18.16 -27.81
CA ALA A 275 9.30 -18.10 -29.26
C ALA A 275 8.48 -16.92 -29.77
N PHE A 276 7.53 -16.40 -28.98
CA PHE A 276 6.84 -15.18 -29.39
C PHE A 276 7.82 -14.01 -29.44
N THR A 277 8.46 -13.71 -28.30
CA THR A 277 9.48 -12.68 -28.23
C THR A 277 10.43 -12.77 -29.40
N LEU A 278 10.96 -13.97 -29.63
CA LEU A 278 11.90 -14.17 -30.76
C LEU A 278 11.24 -13.72 -32.07
N SER A 279 9.99 -14.13 -32.29
CA SER A 279 9.26 -13.76 -33.53
C SER A 279 8.99 -12.26 -33.54
N LEU A 280 8.78 -11.65 -32.38
CA LEU A 280 8.58 -10.20 -32.32
C LEU A 280 9.85 -9.45 -32.73
N ILE A 281 10.99 -9.84 -32.17
CA ILE A 281 12.27 -9.31 -32.62
C ILE A 281 12.44 -9.53 -34.12
N CYS A 282 11.91 -10.66 -34.63
CA CYS A 282 12.02 -10.94 -36.06
C CYS A 282 11.23 -9.95 -36.87
N VAL A 283 10.02 -9.62 -36.42
CA VAL A 283 9.26 -8.58 -37.08
C VAL A 283 10.09 -7.29 -37.14
N PHE A 284 10.67 -6.88 -35.99
CA PHE A 284 11.41 -5.62 -35.91
C PHE A 284 12.54 -5.54 -36.93
N SER A 285 13.23 -6.65 -37.15
CA SER A 285 14.39 -6.64 -38.03
C SER A 285 14.03 -6.29 -39.46
N HIS A 286 12.75 -6.21 -39.80
CA HIS A 286 12.38 -5.75 -41.12
C HIS A 286 12.26 -4.24 -41.22
N PHE A 287 12.33 -3.51 -40.09
CA PHE A 287 11.88 -2.13 -40.06
C PHE A 287 12.93 -1.10 -39.67
N PHE A 288 14.15 -1.50 -39.31
CA PHE A 288 15.15 -0.52 -38.93
C PHE A 288 16.45 -0.75 -39.71
N GLU A 289 17.23 0.31 -39.81
CA GLU A 289 18.56 0.13 -40.34
C GLU A 289 19.43 -0.60 -39.34
N GLU A 290 19.39 -0.21 -38.06
CA GLU A 290 20.10 -0.91 -37.00
C GLU A 290 19.13 -1.38 -35.94
N LEU A 291 19.42 -2.57 -35.40
CA LEU A 291 18.61 -3.18 -34.32
C LEU A 291 19.56 -3.79 -33.29
N TYR A 292 19.29 -3.55 -32.01
CA TYR A 292 20.21 -4.02 -30.96
C TYR A 292 19.47 -4.46 -29.76
N ILE A 293 20.09 -5.37 -29.03
CA ILE A 293 19.58 -5.76 -27.71
C ILE A 293 20.60 -5.13 -26.76
N THR A 294 20.11 -4.41 -25.77
CA THR A 294 21.03 -3.68 -24.90
C THR A 294 20.78 -3.96 -23.44
N LYS A 295 21.85 -3.94 -22.65
CA LYS A 295 21.73 -4.01 -21.17
C LYS A 295 22.54 -2.82 -20.65
N PRO A 296 21.92 -1.66 -20.37
CA PRO A 296 22.62 -0.52 -19.78
C PRO A 296 23.17 -0.77 -18.36
N THR A 297 24.34 -0.19 -18.01
CA THR A 297 24.87 -0.38 -16.66
C THR A 297 23.89 0.10 -15.60
N SER A 298 23.01 1.05 -15.92
CA SER A 298 22.01 1.47 -14.95
C SER A 298 20.79 0.55 -14.91
N SER A 299 20.72 -0.47 -15.77
CA SER A 299 19.76 -1.56 -15.62
C SER A 299 20.33 -2.59 -14.64
N ARG A 300 19.61 -2.92 -13.57
CA ARG A 300 20.14 -3.80 -12.53
C ARG A 300 20.76 -5.05 -13.14
N PRO A 301 22.05 -5.30 -12.89
CA PRO A 301 22.69 -6.49 -13.49
C PRO A 301 22.08 -7.81 -13.01
N THR A 302 21.25 -7.79 -11.96
CA THR A 302 20.70 -9.00 -11.38
C THR A 302 19.32 -9.36 -11.89
N ASN A 303 18.69 -8.50 -12.66
CA ASN A 303 17.41 -8.79 -13.26
C ASN A 303 17.57 -8.99 -14.77
N SER A 304 16.50 -9.44 -15.40
CA SER A 304 16.56 -9.84 -16.80
C SER A 304 16.20 -8.72 -17.76
N GLU A 305 15.84 -7.55 -17.24
CA GLU A 305 15.53 -6.36 -18.03
C GLU A 305 16.50 -6.18 -19.20
N THR A 306 15.94 -6.05 -20.40
CA THR A 306 16.68 -5.65 -21.58
C THR A 306 15.97 -4.49 -22.26
N TYR A 307 16.72 -3.81 -23.13
CA TYR A 307 16.15 -2.75 -23.96
C TYR A 307 16.45 -3.04 -25.43
N ILE A 308 15.42 -3.45 -26.16
CA ILE A 308 15.57 -3.55 -27.60
C ILE A 308 15.57 -2.16 -28.19
N VAL A 309 16.45 -1.91 -29.15
CA VAL A 309 16.67 -0.57 -29.66
C VAL A 309 16.72 -0.62 -31.18
N GLY A 310 15.81 0.10 -31.82
CA GLY A 310 15.82 0.25 -33.26
C GLY A 310 16.14 1.66 -33.72
N LYS A 311 17.22 1.81 -34.48
CA LYS A 311 17.57 3.09 -35.08
C LYS A 311 17.16 3.15 -36.55
N ASN A 312 16.75 4.34 -36.99
CA ASN A 312 16.42 4.65 -38.42
C ASN A 312 15.32 3.79 -39.05
N ARG A 313 14.09 4.02 -38.60
CA ARG A 313 13.01 3.27 -39.23
C ARG A 313 12.99 3.42 -40.74
N LEU A 314 13.07 2.29 -41.45
CA LEU A 314 13.20 2.27 -42.90
C LEU A 314 11.87 2.30 -43.64
N ARG A 315 10.81 1.77 -43.03
CA ARG A 315 9.51 1.72 -43.67
C ARG A 315 8.42 1.56 -42.62
N LEU A 316 7.21 1.98 -43.01
CA LEU A 316 5.97 1.84 -42.28
C LEU A 316 5.29 0.51 -42.60
N PHE A 317 4.32 0.15 -41.77
CA PHE A 317 3.49 -1.02 -42.05
C PHE A 317 2.72 -0.81 -43.35
N THR A 318 2.60 -1.87 -44.13
CA THR A 318 1.52 -1.98 -45.10
C THR A 318 0.18 -1.97 -44.38
N PRO A 319 -0.93 -1.78 -45.09
CA PRO A 319 -2.23 -1.88 -44.44
C PRO A 319 -2.58 -3.29 -44.04
N LYS A 320 -1.98 -4.28 -44.69
CA LYS A 320 -2.23 -5.65 -44.28
C LYS A 320 -1.45 -5.97 -43.01
N GLU A 321 -0.15 -5.67 -43.01
CA GLU A 321 0.65 -5.86 -41.80
C GLU A 321 -0.04 -5.26 -40.59
N GLU A 322 -0.64 -4.08 -40.73
CA GLU A 322 -1.34 -3.47 -39.60
C GLU A 322 -2.49 -4.34 -39.11
N GLN A 323 -3.33 -4.82 -40.03
CA GLN A 323 -4.51 -5.56 -39.59
C GLN A 323 -4.11 -6.88 -38.95
N VAL A 324 -3.13 -7.58 -39.51
CA VAL A 324 -2.77 -8.88 -38.97
C VAL A 324 -2.28 -8.75 -37.54
N LEU A 325 -1.50 -7.70 -37.25
CA LEU A 325 -0.90 -7.59 -35.94
C LEU A 325 -1.94 -7.18 -34.89
N LEU A 326 -2.79 -6.23 -35.23
CA LEU A 326 -3.87 -5.83 -34.33
C LEU A 326 -4.78 -7.01 -34.01
N LYS A 327 -5.10 -7.84 -35.00
CA LYS A 327 -5.96 -9.00 -34.75
C LYS A 327 -5.28 -9.99 -33.81
N ARG A 328 -3.98 -10.21 -34.01
CA ARG A 328 -3.21 -11.00 -33.06
C ARG A 328 -3.25 -10.37 -31.68
N LEU A 329 -3.08 -9.05 -31.58
CA LEU A 329 -3.32 -8.42 -30.29
C LEU A 329 -4.75 -8.68 -29.83
N GLU A 330 -5.73 -8.52 -30.73
CA GLU A 330 -7.12 -8.69 -30.37
C GLU A 330 -7.38 -10.07 -29.81
N PHE A 331 -6.98 -11.11 -30.54
CA PHE A 331 -7.13 -12.51 -30.15
C PHE A 331 -5.73 -13.08 -30.02
N PHE A 332 -5.21 -13.13 -28.80
CA PHE A 332 -3.79 -13.25 -28.57
C PHE A 332 -3.41 -14.69 -28.25
N ASN A 333 -2.40 -15.19 -28.94
CA ASN A 333 -1.73 -16.41 -28.53
C ASN A 333 -0.26 -16.28 -28.91
N ASP A 334 0.60 -16.82 -28.04
CA ASP A 334 2.07 -16.62 -28.19
C ASP A 334 2.67 -17.44 -29.34
N THR A 335 1.84 -18.02 -30.20
CA THR A 335 2.39 -18.66 -31.36
C THR A 335 3.27 -17.66 -32.11
N PRO A 336 4.41 -18.09 -32.66
CA PRO A 336 5.31 -17.13 -33.32
C PRO A 336 4.60 -16.43 -34.48
N LEU A 337 4.93 -15.14 -34.66
CA LEU A 337 4.34 -14.31 -35.70
C LEU A 337 4.93 -14.54 -37.08
N VAL A 338 6.13 -15.11 -37.16
CA VAL A 338 6.76 -15.45 -38.42
C VAL A 338 7.30 -16.87 -38.29
N ASP A 339 7.75 -17.40 -39.41
CA ASP A 339 8.50 -18.65 -39.44
C ASP A 339 9.94 -18.40 -38.95
N LEU A 340 10.22 -18.83 -37.70
CA LEU A 340 11.53 -18.56 -37.10
C LEU A 340 12.66 -19.24 -37.86
N SER A 341 12.38 -20.34 -38.55
CA SER A 341 13.43 -20.98 -39.33
C SER A 341 14.02 -20.04 -40.39
N LEU A 342 13.23 -19.08 -40.89
CA LEU A 342 13.77 -18.13 -41.88
C LEU A 342 14.71 -17.10 -41.29
N TYR A 343 14.88 -17.04 -39.98
CA TYR A 343 15.67 -16.01 -39.35
C TYR A 343 16.78 -16.65 -38.52
N GLN A 344 17.38 -17.71 -39.05
CA GLN A 344 18.45 -18.38 -38.34
C GLN A 344 19.51 -17.40 -37.86
N ASN A 345 20.09 -16.64 -38.78
CA ASN A 345 21.19 -15.76 -38.41
C ASN A 345 20.78 -14.81 -37.30
N LEU A 346 19.67 -14.11 -37.47
CA LEU A 346 19.19 -13.23 -36.42
C LEU A 346 19.06 -13.97 -35.10
N LEU A 347 18.46 -15.17 -35.14
CA LEU A 347 18.29 -15.93 -33.92
C LEU A 347 19.63 -16.22 -33.25
N GLU A 348 20.63 -16.62 -34.02
CA GLU A 348 21.95 -16.81 -33.43
C GLU A 348 22.47 -15.53 -32.78
N SER A 349 22.13 -14.36 -33.33
CA SER A 349 22.54 -13.11 -32.69
C SER A 349 21.78 -12.87 -31.39
N VAL A 350 20.51 -13.23 -31.33
CA VAL A 350 19.77 -13.01 -30.08
C VAL A 350 20.35 -13.88 -28.99
N TYR A 351 20.47 -15.19 -29.24
CA TYR A 351 21.05 -16.06 -28.22
C TYR A 351 22.36 -15.48 -27.74
N PHE A 352 23.14 -14.89 -28.65
CA PHE A 352 24.39 -14.28 -28.22
C PHE A 352 24.15 -13.15 -27.21
N ALA A 353 23.10 -12.35 -27.39
CA ALA A 353 22.77 -11.40 -26.32
C ALA A 353 22.30 -12.15 -25.07
N VAL A 354 21.54 -13.22 -25.25
CA VAL A 354 21.06 -13.96 -24.09
C VAL A 354 22.22 -14.64 -23.37
N GLU A 355 23.25 -15.05 -24.11
CA GLU A 355 24.41 -15.62 -23.43
C GLU A 355 25.15 -14.53 -22.69
N THR A 356 25.25 -13.36 -23.31
CA THR A 356 25.98 -12.24 -22.73
C THR A 356 25.24 -11.64 -21.55
N ILE A 357 23.97 -11.32 -21.73
CA ILE A 357 23.28 -10.58 -20.70
C ILE A 357 22.82 -11.50 -19.59
N HIS A 358 22.19 -12.62 -19.95
CA HIS A 358 21.51 -13.43 -18.95
C HIS A 358 22.37 -14.59 -18.46
N LEU A 359 22.88 -15.43 -19.38
CA LEU A 359 23.58 -16.64 -18.97
C LEU A 359 24.90 -16.33 -18.29
N LYS A 360 25.55 -15.23 -18.68
CA LYS A 360 26.79 -14.82 -18.04
C LYS A 360 26.52 -13.73 -17.02
N GLN A 361 26.29 -12.51 -17.49
CA GLN A 361 26.29 -11.38 -16.58
C GLN A 361 25.28 -11.58 -15.44
N GLN A 362 24.01 -11.82 -15.76
CA GLN A 362 23.02 -11.86 -14.69
C GLN A 362 23.31 -13.01 -13.72
N ILE A 363 23.63 -14.18 -14.25
CA ILE A 363 23.96 -15.33 -13.42
C ILE A 363 25.23 -15.04 -12.62
N GLU A 364 26.21 -14.37 -13.20
CA GLU A 364 27.38 -14.04 -12.41
C GLU A 364 27.02 -13.14 -11.23
N PHE A 365 26.02 -12.27 -11.40
CA PHE A 365 25.70 -11.31 -10.35
C PHE A 365 24.73 -11.87 -9.34
N LEU A 366 23.86 -12.79 -9.74
CA LEU A 366 23.05 -13.43 -8.72
C LEU A 366 23.92 -14.35 -7.85
N ASN A 367 24.79 -15.13 -8.45
CA ASN A 367 25.73 -15.91 -7.63
C ASN A 367 26.45 -15.00 -6.66
N PHE A 368 26.86 -13.83 -7.14
CA PHE A 368 27.63 -12.92 -6.31
C PHE A 368 26.79 -12.42 -5.13
N GLY A 369 25.50 -12.17 -5.35
CA GLY A 369 24.66 -11.70 -4.27
C GLY A 369 24.33 -12.79 -3.26
N MET A 370 24.15 -14.02 -3.73
CA MET A 370 23.97 -15.12 -2.80
C MET A 370 25.23 -15.31 -1.96
N LYS A 371 26.39 -15.30 -2.60
CA LYS A 371 27.64 -15.36 -1.87
C LYS A 371 27.72 -14.27 -0.80
N CYS A 372 27.47 -13.01 -1.17
CA CYS A 372 27.43 -11.94 -0.18
C CYS A 372 26.44 -12.28 0.92
N TYR A 373 25.24 -12.67 0.54
CA TYR A 373 24.25 -13.01 1.56
C TYR A 373 24.84 -13.97 2.57
N ARG A 374 25.53 -15.00 2.10
CA ARG A 374 26.01 -16.05 2.99
C ARG A 374 27.10 -15.53 3.93
N HIS A 375 28.01 -14.71 3.44
CA HIS A 375 29.08 -14.18 4.29
C HIS A 375 28.70 -12.90 5.02
N PHE A 376 27.54 -12.32 4.73
CA PHE A 376 27.21 -11.02 5.32
C PHE A 376 25.75 -10.88 5.68
N TYR A 377 25.00 -12.00 5.68
CA TYR A 377 23.56 -11.94 6.10
C TYR A 377 23.47 -11.26 7.46
N ASN A 378 24.46 -11.48 8.33
CA ASN A 378 24.42 -10.90 9.70
C ASN A 378 25.36 -9.70 9.79
N LYS A 379 26.02 -9.35 8.69
CA LYS A 379 27.01 -8.24 8.72
C LYS A 379 26.74 -7.26 7.58
N ILE A 380 25.51 -6.71 7.50
CA ILE A 380 25.20 -5.81 6.39
C ILE A 380 26.07 -4.55 6.46
N LYS A 381 26.05 -3.86 7.60
CA LYS A 381 26.83 -2.64 7.72
C LYS A 381 28.26 -2.86 7.22
N LEU A 382 28.82 -4.02 7.51
CA LEU A 382 30.19 -4.30 7.09
C LEU A 382 30.28 -4.38 5.57
N LEU A 383 29.29 -4.99 4.91
CA LEU A 383 29.37 -5.12 3.47
C LEU A 383 29.31 -3.75 2.82
N ASN A 384 28.40 -2.91 3.31
CA ASN A 384 28.27 -1.53 2.84
C ASN A 384 29.55 -0.76 3.05
N ASP A 385 30.22 -0.95 4.19
CA ASP A 385 31.52 -0.33 4.41
C ASP A 385 32.55 -0.83 3.40
N TYR A 386 32.54 -2.12 3.10
CA TYR A 386 33.51 -2.64 2.12
C TYR A 386 33.30 -2.03 0.75
N LEU A 387 32.05 -1.73 0.40
CA LEU A 387 31.69 -1.40 -0.96
C LEU A 387 31.57 0.09 -1.21
N ALA A 388 31.71 0.92 -0.18
CA ALA A 388 31.63 2.37 -0.35
C ALA A 388 32.65 2.87 -1.36
N PRO A 389 33.94 2.62 -1.18
CA PRO A 389 34.89 3.08 -2.19
C PRO A 389 34.50 2.63 -3.59
N LYS A 390 34.21 1.34 -3.76
CA LYS A 390 33.82 0.81 -5.05
C LYS A 390 32.63 1.58 -5.62
N LYS A 391 31.63 1.84 -4.78
CA LYS A 391 30.44 2.56 -5.23
C LYS A 391 30.79 3.91 -5.85
N LYS A 392 31.55 4.73 -5.12
CA LYS A 392 31.89 6.05 -5.65
C LYS A 392 32.58 5.96 -7.00
N ILE A 393 33.43 4.95 -7.18
CA ILE A 393 34.17 4.87 -8.42
C ILE A 393 33.23 4.56 -9.57
N PHE A 394 32.26 3.69 -9.33
CA PHE A 394 31.34 3.27 -10.37
C PHE A 394 30.38 4.40 -10.72
N GLN A 395 29.81 5.05 -9.72
CA GLN A 395 28.94 6.19 -10.02
C GLN A 395 29.72 7.31 -10.68
N ASP A 396 30.98 7.49 -10.29
CA ASP A 396 31.80 8.49 -10.96
C ASP A 396 32.05 8.11 -12.41
N ARG A 397 32.30 6.82 -12.66
CA ARG A 397 32.52 6.37 -14.02
C ARG A 397 31.30 6.63 -14.88
N TRP A 398 30.11 6.30 -14.35
CA TRP A 398 28.88 6.53 -15.08
C TRP A 398 28.76 7.98 -15.52
N ARG A 399 29.14 8.89 -14.63
CA ARG A 399 28.96 10.32 -14.88
C ARG A 399 29.95 10.83 -15.89
N VAL A 400 31.13 10.22 -15.92
CA VAL A 400 32.13 10.56 -16.91
C VAL A 400 31.81 9.93 -18.27
N LEU A 401 31.08 8.81 -18.27
CA LEU A 401 30.75 8.13 -19.50
C LEU A 401 29.57 8.78 -20.20
N ASN A 402 28.53 9.12 -19.43
CA ASN A 402 27.33 9.79 -19.93
C ASN A 402 27.38 11.19 -19.34
N LYS A 403 28.17 12.08 -19.96
CA LYS A 403 28.32 13.42 -19.45
C LYS A 403 26.96 14.06 -19.22
N LEU A 404 26.81 14.71 -18.07
CA LEU A 404 25.59 15.42 -17.73
C LEU A 404 25.86 16.91 -17.55
N TYR A 405 24.96 17.73 -18.05
CA TYR A 405 25.03 19.17 -17.81
C TYR A 405 23.80 19.65 -17.06
N VAL A 406 23.94 20.82 -16.46
CA VAL A 406 22.89 21.38 -15.63
C VAL A 406 21.73 21.81 -16.52
N LEU A 407 20.53 21.41 -16.13
CA LEU A 407 19.32 21.72 -16.90
C LEU A 407 18.85 23.12 -16.53
N GLU A 408 18.56 23.93 -17.55
CA GLU A 408 18.05 25.26 -17.29
C GLU A 408 16.63 25.19 -16.78
N LYS A 409 16.33 26.03 -15.79
CA LYS A 409 15.01 25.95 -15.17
C LYS A 409 13.90 26.24 -16.17
N LYS A 410 14.18 27.08 -17.18
CA LYS A 410 13.17 27.35 -18.18
C LYS A 410 12.91 26.17 -19.09
N HIS A 411 13.77 25.16 -19.07
CA HIS A 411 13.57 23.98 -19.90
C HIS A 411 13.11 22.77 -19.10
N LYS A 412 12.70 22.96 -17.86
CA LYS A 412 12.22 21.88 -17.03
C LYS A 412 10.77 21.55 -17.36
N LEU A 413 10.39 20.32 -17.07
CA LEU A 413 9.00 19.91 -17.22
C LEU A 413 8.20 20.42 -16.04
N LYS A 414 6.96 20.84 -16.31
CA LYS A 414 6.02 21.25 -15.27
C LYS A 414 5.59 20.03 -14.45
N LEU A 415 5.88 20.04 -13.15
CA LEU A 415 5.45 18.97 -12.26
C LEU A 415 4.45 19.49 -11.24
N CYS A 416 3.39 18.70 -10.99
CA CYS A 416 2.36 19.07 -10.04
C CYS A 416 2.63 18.53 -8.63
N ALA A 417 3.76 17.86 -8.41
CA ALA A 417 4.02 17.27 -7.10
C ALA A 417 5.52 17.14 -6.77
N ASP B 14 -29.88 -25.70 31.07
CA ASP B 14 -30.70 -24.53 31.49
C ASP B 14 -29.85 -23.26 31.31
N TRP B 15 -28.71 -23.20 31.97
CA TRP B 15 -27.80 -22.03 31.85
C TRP B 15 -27.64 -21.66 30.38
N LEU B 16 -27.87 -22.62 29.48
CA LEU B 16 -27.66 -22.38 28.06
C LEU B 16 -28.88 -21.79 27.38
N LYS B 17 -30.08 -22.04 27.90
CA LYS B 17 -31.29 -21.51 27.28
C LYS B 17 -31.88 -20.35 28.05
N THR B 18 -31.23 -19.90 29.12
CA THR B 18 -31.68 -18.77 29.93
C THR B 18 -30.93 -17.48 29.60
N VAL B 19 -30.13 -17.47 28.54
CA VAL B 19 -29.30 -16.31 28.23
C VAL B 19 -30.16 -15.07 28.21
N GLU B 20 -29.68 -14.03 28.87
CA GLU B 20 -30.52 -12.84 28.79
C GLU B 20 -29.93 -11.87 27.79
N PRO B 21 -30.81 -11.24 27.01
CA PRO B 21 -30.35 -10.21 26.06
C PRO B 21 -29.56 -9.13 26.78
N THR B 22 -28.52 -8.64 26.11
CA THR B 22 -27.77 -7.53 26.64
C THR B 22 -28.42 -6.21 26.21
N ASN B 23 -28.26 -5.19 27.03
CA ASN B 23 -28.66 -3.86 26.64
C ASN B 23 -27.44 -3.03 26.26
N PHE B 24 -27.69 -1.93 25.58
CA PHE B 24 -26.64 -0.95 25.35
C PHE B 24 -26.30 -0.29 26.67
N LEU B 25 -25.04 -0.41 27.10
CA LEU B 25 -24.63 0.10 28.40
C LEU B 25 -24.04 1.48 28.24
N LYS B 26 -24.66 2.44 28.89
CA LYS B 26 -24.37 3.87 28.71
C LYS B 26 -24.50 4.52 30.08
N ILE B 27 -23.41 5.14 30.52
CA ILE B 27 -23.27 5.68 31.87
C ILE B 27 -22.64 7.05 31.71
N GLY B 28 -23.38 8.09 32.06
CA GLY B 28 -22.90 9.43 31.85
C GLY B 28 -21.99 9.89 32.97
N LEU B 29 -21.03 10.69 32.63
CA LEU B 29 -20.25 11.16 33.74
C LEU B 29 -20.60 12.59 34.08
N PRO B 30 -20.52 12.96 35.36
CA PRO B 30 -20.91 14.32 35.78
C PRO B 30 -20.04 15.42 35.16
N TYR B 31 -20.62 16.63 35.06
CA TYR B 31 -19.87 17.77 34.55
C TYR B 31 -19.03 18.37 35.67
N GLN B 32 -17.76 18.63 35.36
CA GLN B 32 -16.84 19.24 36.30
C GLN B 32 -16.75 20.73 36.01
N ALA B 33 -17.37 21.53 36.88
CA ALA B 33 -17.29 22.99 36.77
C ALA B 33 -15.87 23.50 36.93
N HIS B 34 -15.18 23.07 37.99
CA HIS B 34 -13.85 23.55 38.37
C HIS B 34 -12.88 23.52 37.20
N PRO B 35 -11.86 24.39 37.17
CA PRO B 35 -10.89 24.36 36.07
C PRO B 35 -9.88 23.24 36.23
N LEU B 36 -9.50 22.65 35.09
CA LEU B 36 -8.55 21.54 35.05
C LEU B 36 -7.13 22.00 35.39
N HIS B 37 -6.50 21.26 36.27
CA HIS B 37 -5.09 21.49 36.56
C HIS B 37 -4.31 20.20 36.31
N LEU B 38 -3.43 20.20 35.31
CA LEU B 38 -2.52 19.10 35.08
C LEU B 38 -1.32 19.23 36.01
N GLN B 39 -1.21 18.35 37.00
CA GLN B 39 -0.03 18.36 37.88
C GLN B 39 0.82 17.11 37.70
N THR B 43 -0.10 12.18 44.21
CA THR B 43 -0.46 12.66 45.55
C THR B 43 -1.49 11.74 46.19
N THR B 44 -1.69 11.93 47.50
CA THR B 44 -2.61 11.09 48.29
C THR B 44 -3.83 10.72 47.49
N PRO B 45 -3.95 9.45 47.08
CA PRO B 45 -5.12 8.99 46.35
C PRO B 45 -6.36 8.96 47.18
N PRO B 46 -7.55 9.16 46.59
CA PRO B 46 -8.78 8.99 47.37
C PRO B 46 -9.15 7.52 47.57
N SER B 47 -9.91 7.31 48.64
CA SER B 47 -10.23 5.96 49.09
C SER B 47 -10.87 5.13 47.99
N ILE B 48 -11.77 5.74 47.22
CA ILE B 48 -12.53 5.01 46.21
C ILE B 48 -11.62 4.23 45.27
N LEU B 49 -10.34 4.64 45.19
CA LEU B 49 -9.37 3.88 44.40
C LEU B 49 -9.28 2.45 44.89
N GLU B 50 -9.46 2.24 46.19
CA GLU B 50 -9.41 0.87 46.77
C GLU B 50 -10.49 0.02 46.06
N LYS B 51 -11.67 0.61 45.81
CA LYS B 51 -12.71 -0.13 45.10
C LYS B 51 -12.21 -0.55 43.72
N PHE B 52 -11.46 0.34 43.04
CA PHE B 52 -10.95 0.01 41.72
C PHE B 52 -9.88 -1.07 41.78
N LYS B 53 -9.02 -1.04 42.80
CA LYS B 53 -8.04 -2.10 42.94
C LYS B 53 -8.73 -3.44 43.14
N ARG B 54 -9.72 -3.49 44.03
CA ARG B 54 -10.43 -4.75 44.23
C ARG B 54 -11.05 -5.27 42.93
N ALA B 55 -11.74 -4.38 42.21
CA ALA B 55 -12.41 -4.77 40.97
C ALA B 55 -11.39 -5.33 39.99
N ASP B 56 -10.22 -4.70 39.91
CA ASP B 56 -9.15 -5.21 39.07
C ASP B 56 -8.72 -6.60 39.50
N ILE B 57 -8.62 -6.84 40.81
CA ILE B 57 -8.15 -8.13 41.28
C ILE B 57 -9.20 -9.20 41.01
N LEU B 58 -10.43 -8.94 41.43
CA LEU B 58 -11.52 -9.85 41.12
C LEU B 58 -11.52 -10.19 39.64
N LEU B 59 -11.42 -9.16 38.79
CA LEU B 59 -11.53 -9.38 37.36
C LEU B 59 -10.36 -10.18 36.82
N ASN B 60 -9.14 -9.93 37.33
CA ASN B 60 -8.00 -10.73 36.91
C ASN B 60 -8.19 -12.17 37.34
N GLU B 61 -8.82 -12.37 38.49
CA GLU B 61 -9.18 -13.69 38.99
C GLU B 61 -10.06 -14.42 37.99
N VAL B 62 -11.22 -13.85 37.67
CA VAL B 62 -12.08 -14.49 36.68
C VAL B 62 -11.34 -14.69 35.37
N LYS B 63 -10.69 -13.64 34.87
CA LYS B 63 -9.90 -13.78 33.65
C LYS B 63 -8.87 -14.90 33.77
N ALA B 64 -8.20 -14.98 34.93
CA ALA B 64 -7.19 -16.01 35.18
C ALA B 64 -7.74 -17.41 34.93
N GLU B 65 -9.05 -17.58 35.03
CA GLU B 65 -9.66 -18.87 34.78
C GLU B 65 -9.39 -19.42 33.38
N MET B 66 -9.02 -18.57 32.40
CA MET B 66 -8.67 -19.09 31.09
C MET B 66 -7.22 -19.58 30.97
N ASP B 67 -6.38 -19.35 31.97
CA ASP B 67 -4.98 -19.80 31.92
C ASP B 67 -4.82 -21.26 31.57
N PRO B 68 -5.49 -22.21 32.23
CA PRO B 68 -5.29 -23.62 31.87
C PRO B 68 -5.46 -23.86 30.37
N LEU B 69 -6.45 -23.22 29.76
CA LEU B 69 -6.68 -23.39 28.33
C LEU B 69 -5.57 -22.78 27.48
N MET B 70 -4.78 -21.86 28.04
CA MET B 70 -3.71 -21.25 27.27
C MET B 70 -2.48 -22.14 27.15
N LEU B 71 -2.37 -23.21 27.93
CA LEU B 71 -1.10 -23.92 27.96
C LEU B 71 -0.83 -24.66 26.66
N GLN B 72 -1.84 -25.21 26.07
CA GLN B 72 -1.63 -25.87 24.81
C GLN B 72 -2.32 -25.10 23.69
N PRO B 73 -1.80 -25.17 22.47
CA PRO B 73 -2.52 -24.55 21.34
C PRO B 73 -3.79 -25.30 20.97
N GLU B 74 -3.87 -26.60 21.25
CA GLU B 74 -5.10 -27.33 20.96
C GLU B 74 -6.27 -26.76 21.76
N THR B 75 -6.03 -26.40 23.01
CA THR B 75 -7.13 -25.87 23.82
C THR B 75 -7.29 -24.37 23.69
N GLU B 76 -6.22 -23.65 23.34
CA GLU B 76 -6.38 -22.25 23.00
C GLU B 76 -7.24 -22.09 21.75
N LYS B 77 -7.01 -22.91 20.73
CA LYS B 77 -7.84 -22.85 19.53
C LYS B 77 -9.30 -23.07 19.88
N LYS B 78 -9.60 -24.07 20.72
CA LYS B 78 -10.98 -24.37 21.05
C LYS B 78 -11.61 -23.32 21.97
N LEU B 79 -10.81 -22.72 22.85
CA LEU B 79 -11.32 -21.63 23.66
C LEU B 79 -11.75 -20.45 22.79
N PHE B 80 -11.01 -20.17 21.73
CA PHE B 80 -11.43 -19.11 20.82
C PHE B 80 -12.63 -19.58 19.99
N GLN B 81 -12.62 -20.84 19.55
CA GLN B 81 -13.80 -21.38 18.90
C GLN B 81 -15.04 -21.21 19.77
N ILE B 82 -14.92 -21.47 21.07
CA ILE B 82 -16.07 -21.36 21.96
C ILE B 82 -16.48 -19.90 22.12
N LEU B 83 -15.51 -19.01 22.30
CA LEU B 83 -15.88 -17.60 22.43
C LEU B 83 -16.50 -17.05 21.15
N SER B 84 -16.05 -17.53 19.99
CA SER B 84 -16.79 -17.22 18.77
C SER B 84 -18.22 -17.72 18.85
N SER B 85 -18.39 -19.02 19.14
CA SER B 85 -19.72 -19.61 19.10
C SER B 85 -20.70 -18.89 20.01
N ILE B 86 -20.21 -18.12 20.98
CA ILE B 86 -21.12 -17.41 21.85
C ILE B 86 -21.24 -15.95 21.48
N ASP B 87 -20.51 -15.51 20.47
CA ASP B 87 -20.74 -14.18 19.89
C ASP B 87 -22.12 -14.18 19.24
N MET B 88 -23.02 -13.36 19.80
CA MET B 88 -24.45 -13.37 19.49
C MET B 88 -24.80 -12.68 18.17
N PHE B 89 -23.86 -12.00 17.50
CA PHE B 89 -24.21 -11.13 16.38
C PHE B 89 -23.44 -11.41 15.09
N LYS B 90 -22.79 -12.57 14.98
CA LYS B 90 -21.93 -12.78 13.80
C LYS B 90 -22.76 -12.95 12.54
N GLY B 91 -23.90 -13.64 12.63
CA GLY B 91 -24.76 -13.80 11.47
C GLY B 91 -25.37 -12.50 10.99
N LEU B 92 -25.50 -11.51 11.90
CA LEU B 92 -26.03 -10.21 11.52
C LEU B 92 -25.15 -9.49 10.51
N ARG B 93 -23.83 -9.66 10.63
CA ARG B 93 -22.92 -9.06 9.66
C ARG B 93 -23.23 -9.51 8.24
N LYS B 94 -23.33 -10.82 8.02
CA LYS B 94 -23.62 -11.27 6.67
C LYS B 94 -24.94 -10.70 6.18
N LYS B 95 -25.94 -10.64 7.07
CA LYS B 95 -27.24 -10.10 6.71
C LYS B 95 -27.14 -8.64 6.31
N VAL B 96 -26.37 -7.85 7.06
CA VAL B 96 -26.31 -6.42 6.77
C VAL B 96 -25.63 -6.17 5.44
N GLU B 97 -24.56 -6.92 5.16
CA GLU B 97 -23.91 -6.79 3.87
C GLU B 97 -24.90 -7.05 2.75
N PHE B 98 -25.55 -8.21 2.79
CA PHE B 98 -26.29 -8.70 1.64
C PHE B 98 -27.51 -7.85 1.36
N THR B 99 -28.32 -7.61 2.40
CA THR B 99 -29.57 -6.88 2.24
C THR B 99 -29.36 -5.40 2.08
N TYR B 100 -28.32 -4.84 2.70
CA TYR B 100 -28.18 -3.41 2.77
C TYR B 100 -26.97 -2.89 2.03
N ASN B 101 -26.16 -3.77 1.46
CA ASN B 101 -25.03 -3.36 0.65
C ASN B 101 -23.91 -2.76 1.48
N ALA B 102 -23.85 -3.09 2.76
CA ALA B 102 -22.78 -2.57 3.60
C ALA B 102 -21.45 -3.18 3.20
N GLN B 103 -20.40 -2.41 3.41
CA GLN B 103 -19.03 -2.79 3.12
C GLN B 103 -18.29 -2.95 4.45
N ILE B 104 -17.20 -3.72 4.41
CA ILE B 104 -16.33 -3.95 5.57
C ILE B 104 -17.18 -4.15 6.82
N VAL B 105 -18.17 -5.04 6.74
CA VAL B 105 -19.08 -5.23 7.86
C VAL B 105 -18.44 -6.22 8.83
N THR B 106 -17.39 -5.77 9.51
CA THR B 106 -16.80 -6.49 10.63
C THR B 106 -17.66 -6.28 11.87
N ASN B 107 -17.23 -6.83 13.00
CA ASN B 107 -17.95 -6.54 14.25
C ASN B 107 -17.80 -5.07 14.63
N ALA B 108 -16.64 -4.47 14.35
CA ALA B 108 -16.48 -3.03 14.52
C ALA B 108 -17.59 -2.28 13.81
N TRP B 109 -17.84 -2.60 12.53
CA TRP B 109 -18.95 -2.02 11.79
C TRP B 109 -20.22 -1.94 12.62
N LEU B 110 -20.68 -3.08 13.15
CA LEU B 110 -21.82 -3.08 14.07
C LEU B 110 -21.62 -2.13 15.23
N LYS B 111 -20.45 -2.18 15.85
CA LYS B 111 -20.24 -1.41 17.06
C LYS B 111 -20.33 0.08 16.76
N MET B 112 -19.65 0.52 15.70
CA MET B 112 -19.80 1.91 15.25
C MET B 112 -21.25 2.22 14.96
N TYR B 113 -21.91 1.40 14.15
CA TYR B 113 -23.27 1.73 13.75
C TYR B 113 -24.18 1.84 14.98
N GLU B 114 -24.07 0.89 15.90
CA GLU B 114 -24.84 0.95 17.14
C GLU B 114 -24.50 2.23 17.94
N LEU B 115 -23.24 2.64 17.94
CA LEU B 115 -22.86 3.89 18.60
C LEU B 115 -23.50 5.10 17.90
N LEU B 116 -23.34 5.21 16.58
CA LEU B 116 -23.96 6.32 15.86
C LEU B 116 -25.47 6.37 16.10
N ASN B 117 -26.15 5.24 16.06
CA ASN B 117 -27.59 5.27 16.28
C ASN B 117 -27.89 5.64 17.73
N THR B 118 -27.26 4.95 18.67
CA THR B 118 -27.55 5.19 20.09
C THR B 118 -27.08 6.57 20.53
N MET B 119 -25.80 6.91 20.31
CA MET B 119 -25.24 8.12 20.93
C MET B 119 -25.89 9.39 20.43
N ASN B 120 -26.30 9.43 19.15
CA ASN B 120 -27.10 10.51 18.59
C ASN B 120 -26.35 11.85 18.60
N PHE B 121 -25.29 11.90 17.79
CA PHE B 121 -24.37 13.02 17.75
C PHE B 121 -24.93 14.19 16.97
N ASN B 122 -24.46 15.40 17.31
CA ASN B 122 -24.97 16.60 16.65
C ASN B 122 -24.62 16.66 15.17
N ASN B 123 -23.48 16.08 14.78
CA ASN B 123 -22.98 16.13 13.41
C ASN B 123 -21.88 15.11 13.29
N THR B 124 -21.89 14.32 12.20
CA THR B 124 -20.83 13.35 11.97
C THR B 124 -20.31 13.39 10.53
N SER B 125 -20.51 14.52 9.84
CA SER B 125 -20.22 14.66 8.42
C SER B 125 -18.73 14.69 8.11
N GLN B 126 -17.87 14.90 9.10
CA GLN B 126 -16.43 14.90 8.84
C GLN B 126 -15.73 14.21 10.00
N ALA B 127 -14.93 13.22 9.66
CA ALA B 127 -14.48 12.24 10.63
C ALA B 127 -12.99 11.97 10.48
N PHE B 128 -12.30 11.93 11.61
CA PHE B 128 -10.92 11.45 11.70
C PHE B 128 -10.94 10.11 12.45
N CYS B 129 -10.80 9.02 11.72
CA CYS B 129 -10.80 7.68 12.30
C CYS B 129 -9.35 7.21 12.39
N ASN B 130 -8.91 6.93 13.61
CA ASN B 130 -7.51 6.66 13.90
C ASN B 130 -7.35 5.29 14.53
N CYS B 131 -6.24 4.61 14.23
CA CYS B 131 -6.08 3.20 14.68
C CYS B 131 -7.22 2.42 14.01
N GLU B 132 -7.37 2.53 12.69
CA GLU B 132 -8.50 1.88 11.98
C GLU B 132 -8.05 1.35 10.62
N LEU B 133 -6.93 0.62 10.59
CA LEU B 133 -6.40 0.04 9.32
C LEU B 133 -7.58 -0.57 8.52
N PRO B 134 -8.32 -1.56 9.06
CA PRO B 134 -9.39 -2.20 8.30
C PRO B 134 -10.40 -1.19 7.77
N GLY B 135 -10.89 -0.30 8.64
CA GLY B 135 -11.84 0.75 8.18
C GLY B 135 -13.29 0.37 8.34
N GLY B 136 -13.63 -0.39 9.40
CA GLY B 136 -15.05 -0.71 9.66
C GLY B 136 -15.78 0.50 10.22
N PHE B 137 -15.23 1.11 11.27
CA PHE B 137 -15.81 2.34 11.87
C PHE B 137 -16.05 3.34 10.76
N ILE B 138 -15.10 3.49 9.85
CA ILE B 138 -15.19 4.44 8.71
C ILE B 138 -16.34 4.06 7.75
N SER B 139 -16.47 2.78 7.39
CA SER B 139 -17.54 2.28 6.51
C SER B 139 -18.92 2.49 7.15
N ALA B 140 -19.04 2.25 8.44
CA ALA B 140 -20.33 2.40 9.14
C ALA B 140 -20.77 3.85 9.22
N ILE B 141 -19.81 4.76 9.44
CA ILE B 141 -20.13 6.21 9.48
C ILE B 141 -20.57 6.59 8.06
N ASN B 142 -19.88 6.10 7.05
CA ASN B 142 -20.25 6.38 5.63
C ASN B 142 -21.68 5.92 5.38
N HIS B 143 -22.03 4.69 5.76
CA HIS B 143 -23.36 4.13 5.55
C HIS B 143 -24.42 4.92 6.34
N PHE B 144 -24.12 5.24 7.59
CA PHE B 144 -25.04 6.01 8.47
C PHE B 144 -25.23 7.45 7.97
N ASN B 145 -24.18 8.07 7.47
CA ASN B 145 -24.23 9.49 7.02
C ASN B 145 -24.99 9.61 5.70
N TYR B 146 -25.06 8.52 4.95
CA TYR B 146 -25.77 8.54 3.65
C TYR B 146 -27.17 7.94 3.79
N THR B 147 -27.45 7.13 4.80
CA THR B 147 -28.77 6.45 4.86
C THR B 147 -29.62 6.93 6.03
N MET B 148 -29.02 7.59 7.01
CA MET B 148 -29.75 8.06 8.22
C MET B 148 -29.61 9.58 8.33
N MET B 149 -28.40 10.07 8.14
CA MET B 149 -28.12 11.52 8.29
C MET B 149 -28.43 12.21 6.95
N HIS B 150 -28.48 11.42 5.88
CA HIS B 150 -28.85 11.96 4.54
C HIS B 150 -27.92 13.11 4.16
N TYR B 151 -26.66 13.01 4.58
CA TYR B 151 -25.65 14.07 4.32
C TYR B 151 -25.23 14.04 2.87
N PRO B 152 -25.15 15.21 2.21
CA PRO B 152 -24.74 15.25 0.82
C PRO B 152 -23.38 14.63 0.59
N THR B 153 -22.42 14.95 1.45
CA THR B 153 -21.07 14.42 1.29
C THR B 153 -20.50 14.02 2.64
N PHE B 154 -19.59 13.04 2.62
CA PHE B 154 -18.86 12.63 3.83
C PHE B 154 -17.38 12.94 3.62
N ASN B 155 -16.88 13.96 4.27
CA ASN B 155 -15.42 14.21 4.18
C ASN B 155 -14.78 13.42 5.34
N TRP B 156 -13.70 12.70 5.03
CA TRP B 156 -13.14 11.84 6.09
C TRP B 156 -11.63 11.67 5.91
N VAL B 157 -10.93 11.50 7.01
CA VAL B 157 -9.46 11.25 7.01
C VAL B 157 -9.24 10.03 7.93
N ALA B 158 -8.09 9.39 7.85
CA ALA B 158 -7.79 8.29 8.79
C ALA B 158 -6.31 7.94 8.85
N SER B 159 -5.95 7.24 9.91
CA SER B 159 -4.58 6.72 10.07
C SER B 159 -4.64 5.37 10.78
N SER B 160 -3.55 4.63 10.74
CA SER B 160 -3.41 3.36 11.48
C SER B 160 -1.91 3.06 11.49
N LEU B 161 -1.47 2.19 12.37
CA LEU B 161 -0.06 1.78 12.40
C LEU B 161 0.28 1.07 11.09
N TYR B 162 1.17 1.66 10.31
CA TYR B 162 1.70 1.02 9.08
C TYR B 162 3.05 0.53 9.53
N PRO B 163 3.19 -0.77 9.84
CA PRO B 163 4.44 -1.24 10.40
C PRO B 163 5.46 -1.59 9.30
N GLU B 171 -4.16 -4.53 9.35
CA GLU B 171 -3.73 -4.46 7.92
C GLU B 171 -4.92 -4.09 7.03
N ASP B 172 -4.65 -3.63 5.81
CA ASP B 172 -5.72 -3.20 4.87
C ASP B 172 -6.23 -4.44 4.11
N HIS B 173 -7.20 -5.13 4.68
CA HIS B 173 -7.72 -6.39 4.09
C HIS B 173 -8.77 -6.09 3.01
N TYR B 174 -9.34 -4.89 3.02
CA TYR B 174 -10.45 -4.58 2.09
C TYR B 174 -10.04 -3.47 1.11
N GLY B 175 -8.83 -2.92 1.23
CA GLY B 175 -8.34 -1.89 0.29
C GLY B 175 -8.85 -0.48 0.53
N LEU B 176 -9.22 -0.11 1.75
CA LEU B 176 -9.59 1.29 2.08
C LEU B 176 -8.37 2.23 1.95
N TYR B 177 -7.19 1.79 2.39
CA TYR B 177 -5.97 2.62 2.33
C TYR B 177 -5.43 2.75 0.92
N GLN B 178 -5.31 1.65 0.18
CA GLN B 178 -4.72 1.64 -1.17
C GLN B 178 -5.56 2.45 -2.16
N CYS B 179 -6.87 2.40 -2.00
CA CYS B 179 -7.78 3.07 -2.97
C CYS B 179 -8.02 4.52 -2.57
N ASN B 180 -7.78 4.86 -1.31
CA ASN B 180 -8.14 6.20 -0.81
C ASN B 180 -6.91 6.80 -0.14
N PRO B 181 -5.75 6.89 -0.84
CA PRO B 181 -4.52 7.32 -0.22
C PRO B 181 -4.50 8.77 0.25
N ASP B 182 -5.34 9.60 -0.34
CA ASP B 182 -5.46 11.00 0.10
C ASP B 182 -6.21 11.05 1.43
N ASN B 183 -7.01 10.04 1.72
CA ASN B 183 -7.84 10.03 2.96
C ASN B 183 -7.02 9.48 4.12
N TRP B 184 -5.87 8.89 3.84
CA TRP B 184 -5.03 8.27 4.91
C TRP B 184 -3.87 9.19 5.29
N LEU B 185 -3.54 9.29 6.56
CA LEU B 185 -2.57 10.32 7.04
C LEU B 185 -1.22 9.70 7.41
N MET B 186 -1.18 8.40 7.63
CA MET B 186 0.09 7.71 7.96
C MET B 186 0.85 7.38 6.65
N GLN B 187 2.17 7.29 6.74
CA GLN B 187 2.96 7.09 5.51
C GLN B 187 3.41 5.64 5.41
N SER B 188 3.75 5.20 4.21
CA SER B 188 4.26 3.83 3.96
C SER B 188 5.73 3.75 4.36
N PRO B 189 6.29 2.54 4.49
CA PRO B 189 7.66 2.41 4.93
C PRO B 189 8.67 2.95 3.92
N LEU B 190 8.20 3.19 2.69
CA LEU B 190 9.07 3.73 1.64
C LEU B 190 9.47 5.17 1.99
N LEU B 191 8.62 5.88 2.73
CA LEU B 191 8.88 7.29 3.11
C LEU B 191 9.69 7.35 4.40
N LYS B 192 10.02 6.21 4.98
CA LYS B 192 10.92 6.21 6.15
C LYS B 192 12.18 6.93 5.70
N LYS B 193 12.91 7.58 6.61
CA LYS B 193 14.10 8.40 6.18
C LYS B 193 13.58 9.74 5.66
N ASN B 194 12.34 10.06 5.97
CA ASN B 194 11.81 11.44 5.96
C ASN B 194 11.85 11.96 7.38
N ILE B 195 12.17 13.24 7.57
CA ILE B 195 12.18 13.86 8.92
C ILE B 195 10.75 13.81 9.45
N ASP B 196 9.79 13.96 8.56
CA ASP B 196 8.36 14.00 8.93
C ASP B 196 7.67 12.68 8.61
N TYR B 197 8.40 11.56 8.64
CA TYR B 197 7.78 10.24 8.43
C TYR B 197 6.84 9.89 9.58
N ASN B 198 5.59 9.58 9.23
CA ASN B 198 4.59 9.14 10.24
C ASN B 198 4.18 7.71 9.88
N ASN B 199 4.53 6.76 10.71
CA ASN B 199 4.12 5.34 10.54
C ASN B 199 2.74 5.13 11.17
N GLY B 200 2.18 6.15 11.82
CA GLY B 200 0.83 6.04 12.41
C GLY B 200 0.82 5.55 13.82
N ASP B 201 1.99 5.44 14.46
CA ASP B 201 2.10 5.05 15.88
C ASP B 201 1.74 6.23 16.76
N VAL B 202 0.66 6.10 17.52
CA VAL B 202 0.17 7.17 18.43
C VAL B 202 0.95 7.11 19.75
N THR B 203 1.88 6.16 19.89
CA THR B 203 2.73 6.06 21.08
C THR B 203 3.89 7.01 20.89
N ILE B 204 4.09 7.47 19.65
CA ILE B 204 5.15 8.48 19.37
C ILE B 204 4.46 9.85 19.34
N ALA B 205 4.92 10.80 20.16
CA ALA B 205 4.31 12.14 20.31
C ALA B 205 4.40 12.97 19.02
N SER B 206 5.53 12.92 18.35
CA SER B 206 5.71 13.63 17.07
C SER B 206 4.69 13.14 16.05
N ASN B 207 4.36 11.86 16.12
CA ASN B 207 3.40 11.26 15.17
C ASN B 207 2.00 11.79 15.54
N VAL B 208 1.75 12.00 16.82
CA VAL B 208 0.42 12.46 17.31
C VAL B 208 0.25 13.94 16.93
N LYS B 209 1.33 14.71 16.98
CA LYS B 209 1.27 16.13 16.57
C LYS B 209 1.08 16.22 15.05
N ASN B 210 1.74 15.35 14.29
CA ASN B 210 1.68 15.37 12.81
C ASN B 210 0.32 14.91 12.34
N LEU B 211 -0.25 13.94 13.06
CA LEU B 211 -1.56 13.38 12.66
C LEU B 211 -2.62 14.47 12.81
N ALA B 212 -2.59 15.20 13.93
CA ALA B 212 -3.58 16.28 14.19
C ALA B 212 -3.35 17.42 13.20
N LEU B 213 -2.09 17.67 12.84
CA LEU B 213 -1.74 18.73 11.88
C LEU B 213 -2.31 18.40 10.49
N ARG B 214 -2.14 17.18 10.02
CA ARG B 214 -2.58 16.80 8.65
C ARG B 214 -4.10 16.76 8.55
N ALA B 215 -4.77 16.23 9.58
CA ALA B 215 -6.24 16.09 9.62
C ALA B 215 -6.93 17.45 9.66
N THR B 216 -6.37 18.40 10.41
CA THR B 216 -6.91 19.77 10.47
C THR B 216 -6.67 20.47 9.14
N GLN B 217 -5.60 20.11 8.46
CA GLN B 217 -5.32 20.65 7.13
C GLN B 217 -6.29 20.06 6.08
N ARG B 218 -6.69 18.79 6.22
CA ARG B 218 -7.53 18.14 5.19
C ARG B 218 -9.02 18.25 5.55
N LEU B 219 -9.35 18.53 6.82
CA LEU B 219 -10.74 18.57 7.30
C LEU B 219 -10.93 19.81 8.17
N THR B 220 -11.82 20.71 7.76
CA THR B 220 -12.12 21.91 8.57
C THR B 220 -13.62 22.14 8.52
N PRO B 221 -14.37 21.85 9.61
CA PRO B 221 -13.79 21.33 10.83
C PRO B 221 -13.84 19.81 11.01
N ILE B 222 -13.53 19.32 12.21
CA ILE B 222 -13.61 17.86 12.49
C ILE B 222 -14.67 17.67 13.58
N HIS B 223 -15.79 17.02 13.25
CA HIS B 223 -16.91 16.87 14.23
C HIS B 223 -16.91 15.49 14.87
N LEU B 224 -16.15 14.57 14.33
CA LEU B 224 -16.14 13.18 14.84
C LEU B 224 -14.72 12.62 14.82
N TYR B 225 -14.20 12.28 15.99
CA TYR B 225 -12.89 11.61 16.07
C TYR B 225 -13.12 10.25 16.67
N THR B 226 -12.61 9.23 16.02
CA THR B 226 -12.68 7.86 16.54
C THR B 226 -11.28 7.29 16.74
N ALA B 227 -11.13 6.44 17.73
CA ALA B 227 -9.88 5.70 17.97
C ALA B 227 -10.25 4.31 18.47
N ASP B 228 -9.78 3.25 17.79
CA ASP B 228 -10.09 1.84 18.19
C ASP B 228 -8.79 1.06 18.36
N GLY B 229 -7.88 1.63 19.11
CA GLY B 229 -6.55 1.03 19.30
C GLY B 229 -6.45 -0.03 20.35
N GLY B 230 -5.68 -1.04 20.04
CA GLY B 230 -5.48 -2.15 20.96
C GLY B 230 -4.22 -2.92 20.63
N ILE B 231 -3.49 -3.36 21.65
CA ILE B 231 -2.24 -4.12 21.48
C ILE B 231 -2.60 -5.60 21.30
N ASN B 232 -1.73 -6.37 20.64
CA ASN B 232 -1.93 -7.85 20.57
C ASN B 232 -1.34 -8.41 21.87
N VAL B 233 -2.21 -8.71 22.83
CA VAL B 233 -1.77 -9.26 24.13
C VAL B 233 -1.82 -10.78 24.00
N GLY B 234 -0.89 -11.48 24.61
CA GLY B 234 -1.02 -12.95 24.59
C GLY B 234 -2.46 -13.33 24.85
N ASP B 236 -1.46 -12.33 28.13
CA ASP B 236 -1.35 -11.27 29.16
C ASP B 236 -2.57 -10.35 29.10
N TYR B 237 -3.77 -10.93 29.11
CA TYR B 237 -5.01 -10.13 29.12
C TYR B 237 -5.18 -9.55 30.51
N ASN B 238 -4.40 -10.06 31.46
CA ASN B 238 -4.49 -9.62 32.88
C ASN B 238 -3.81 -8.26 33.04
N LYS B 239 -3.05 -7.84 32.04
CA LYS B 239 -2.37 -6.52 32.08
C LYS B 239 -2.69 -5.74 30.80
N GLN B 240 -3.86 -5.96 30.20
CA GLN B 240 -4.24 -5.32 28.91
C GLN B 240 -4.45 -3.79 29.07
N GLU B 241 -5.05 -3.33 30.17
CA GLU B 241 -5.19 -1.88 30.37
C GLU B 241 -3.79 -1.23 30.45
N GLU B 242 -2.87 -1.83 31.21
CA GLU B 242 -1.51 -1.26 31.41
C GLU B 242 -0.72 -1.32 30.11
N LEU B 243 -0.85 -2.42 29.37
CA LEU B 243 -0.14 -2.59 28.09
C LEU B 243 -0.66 -1.62 27.02
N ASN B 244 -1.90 -1.15 27.14
CA ASN B 244 -2.51 -0.27 26.11
C ASN B 244 -2.58 1.19 26.57
N LEU B 245 -1.97 1.51 27.71
CA LEU B 245 -2.07 2.85 28.34
C LEU B 245 -1.41 3.97 27.50
N LYS B 246 -0.17 3.79 27.05
CA LYS B 246 0.51 4.80 26.20
C LYS B 246 -0.19 4.88 24.82
N LEU B 247 -0.70 3.78 24.28
CA LEU B 247 -1.45 3.78 22.99
C LEU B 247 -2.76 4.56 23.15
N HIS B 248 -3.48 4.33 24.25
CA HIS B 248 -4.79 4.97 24.47
C HIS B 248 -4.60 6.47 24.78
N PHE B 249 -3.50 6.86 25.44
CA PHE B 249 -3.21 8.29 25.69
C PHE B 249 -2.82 8.93 24.36
N GLY B 250 -2.26 8.13 23.47
CA GLY B 250 -1.92 8.59 22.13
C GLY B 250 -3.12 8.85 21.26
N GLN B 251 -4.11 7.99 21.31
CA GLN B 251 -5.38 8.19 20.56
C GLN B 251 -6.09 9.43 21.10
N ALA B 252 -6.14 9.56 22.43
CA ALA B 252 -6.79 10.70 23.10
C ALA B 252 -6.10 12.02 22.72
N LEU B 253 -4.77 12.03 22.67
CA LEU B 253 -4.01 13.25 22.31
C LEU B 253 -4.27 13.60 20.85
N THR B 254 -4.26 12.61 19.97
CA THR B 254 -4.49 12.81 18.54
C THR B 254 -5.84 13.47 18.32
N GLY B 255 -6.89 13.03 19.01
CA GLY B 255 -8.25 13.63 18.91
C GLY B 255 -8.43 14.94 19.63
N LEU B 256 -8.00 15.05 20.88
CA LEU B 256 -8.04 16.33 21.62
C LEU B 256 -7.14 17.41 20.96
N LEU B 257 -6.30 17.04 19.98
CA LEU B 257 -5.50 18.03 19.21
C LEU B 257 -6.10 18.24 17.80
N SER B 258 -7.08 17.43 17.40
CA SER B 258 -7.68 17.45 16.04
C SER B 258 -9.15 17.87 16.07
N LEU B 259 -9.90 17.43 17.07
CA LEU B 259 -11.37 17.64 17.12
C LEU B 259 -11.76 19.11 17.26
N SER B 260 -12.74 19.50 16.46
CA SER B 260 -13.21 20.90 16.49
C SER B 260 -14.21 21.04 17.62
N LYS B 261 -14.38 22.24 18.15
CA LYS B 261 -15.40 22.46 19.19
C LYS B 261 -16.78 22.09 18.60
N GLY B 262 -17.64 21.43 19.38
CA GLY B 262 -18.92 20.90 18.88
C GLY B 262 -18.70 19.49 18.44
N GLY B 263 -17.44 19.09 18.40
CA GLY B 263 -17.05 17.76 17.94
C GLY B 263 -17.31 16.67 18.94
N ASN B 264 -17.36 15.46 18.44
CA ASN B 264 -17.71 14.30 19.28
C ASN B 264 -16.54 13.31 19.17
N MET B 265 -16.32 12.55 20.24
CA MET B 265 -15.21 11.57 20.24
C MET B 265 -15.67 10.20 20.73
N ILE B 266 -15.10 9.16 20.14
CA ILE B 266 -15.39 7.75 20.51
C ILE B 266 -14.00 7.10 20.62
N LEU B 267 -13.62 6.70 21.82
CA LEU B 267 -12.29 6.10 22.07
C LEU B 267 -12.47 4.71 22.64
N LYS B 268 -11.72 3.74 22.13
CA LYS B 268 -11.78 2.37 22.67
C LYS B 268 -10.85 2.28 23.88
N HIS B 269 -11.38 1.70 24.95
CA HIS B 269 -10.62 1.54 26.19
C HIS B 269 -10.84 0.10 26.64
N TYR B 270 -10.40 -0.24 27.84
CA TYR B 270 -10.70 -1.60 28.38
C TYR B 270 -11.23 -1.86 29.79
N THR B 271 -10.38 -1.99 30.82
CA THR B 271 -10.82 -2.18 32.23
C THR B 271 -11.09 -0.94 33.07
N LEU B 272 -10.51 0.21 32.76
CA LEU B 272 -10.76 1.49 33.46
C LEU B 272 -10.59 1.36 34.98
N ASN B 273 -9.50 0.76 35.44
CA ASN B 273 -9.30 0.49 36.88
C ASN B 273 -8.01 1.17 37.36
N HIS B 274 -7.15 1.55 36.43
CA HIS B 274 -5.85 2.20 36.74
C HIS B 274 -6.05 3.71 36.93
N ALA B 275 -5.21 4.30 37.78
CA ALA B 275 -5.31 5.74 38.10
C ALA B 275 -5.06 6.61 36.88
N PHE B 276 -4.16 6.19 35.98
CA PHE B 276 -3.91 6.94 34.73
C PHE B 276 -5.18 6.98 33.91
N THR B 277 -5.84 5.85 33.70
CA THR B 277 -7.02 5.80 32.82
C THR B 277 -8.08 6.69 33.44
N LEU B 278 -8.18 6.69 34.76
CA LEU B 278 -9.16 7.52 35.51
C LEU B 278 -8.84 9.03 35.42
N SER B 279 -7.58 9.42 35.47
CA SER B 279 -7.15 10.84 35.33
C SER B 279 -7.34 11.31 33.88
N LEU B 280 -7.29 10.40 32.91
CA LEU B 280 -7.55 10.74 31.49
C LEU B 280 -9.04 11.03 31.27
N ILE B 281 -9.92 10.30 31.96
CA ILE B 281 -11.40 10.55 31.92
C ILE B 281 -11.69 11.86 32.66
N CYS B 282 -10.94 12.16 33.72
CA CYS B 282 -11.10 13.41 34.51
C CYS B 282 -10.71 14.57 33.60
N VAL B 283 -9.65 14.38 32.83
CA VAL B 283 -9.23 15.39 31.83
C VAL B 283 -10.34 15.55 30.78
N PHE B 284 -10.87 14.46 30.23
CA PHE B 284 -11.95 14.50 29.21
C PHE B 284 -13.16 15.21 29.77
N SER B 285 -13.30 15.23 31.10
CA SER B 285 -14.46 15.83 31.80
C SER B 285 -14.50 17.35 31.60
N HIS B 286 -13.38 17.94 31.19
CA HIS B 286 -13.32 19.41 31.03
C HIS B 286 -13.52 19.82 29.57
N PHE B 287 -13.64 18.87 28.64
CA PHE B 287 -13.67 19.24 27.20
C PHE B 287 -15.03 18.94 26.55
N PHE B 288 -15.86 18.20 27.26
CA PHE B 288 -17.10 17.76 26.59
C PHE B 288 -18.31 18.07 27.43
N GLU B 289 -19.39 18.51 26.78
CA GLU B 289 -20.67 18.79 27.48
C GLU B 289 -21.25 17.48 28.01
N GLU B 290 -21.04 16.40 27.28
CA GLU B 290 -21.53 15.06 27.68
C GLU B 290 -20.34 14.08 27.63
N LEU B 291 -20.31 13.12 28.54
CA LEU B 291 -19.24 12.08 28.61
C LEU B 291 -19.88 10.77 29.09
N TYR B 292 -19.61 9.70 28.36
CA TYR B 292 -20.22 8.40 28.69
C TYR B 292 -19.24 7.27 28.54
N ILE B 293 -19.28 6.35 29.48
CA ILE B 293 -18.54 5.08 29.32
C ILE B 293 -19.59 4.16 28.69
N THR B 294 -19.33 3.68 27.49
CA THR B 294 -20.35 2.90 26.76
C THR B 294 -19.89 1.52 26.39
N LYS B 295 -20.80 0.56 26.44
CA LYS B 295 -20.50 -0.78 25.90
C LYS B 295 -21.66 -1.13 24.98
N PRO B 296 -21.48 -1.03 23.65
CA PRO B 296 -22.50 -1.52 22.74
C PRO B 296 -22.69 -3.04 22.83
N THR B 297 -23.91 -3.52 22.63
CA THR B 297 -24.23 -4.96 22.64
C THR B 297 -23.41 -5.73 21.59
N SER B 298 -22.94 -5.06 20.55
CA SER B 298 -22.03 -5.64 19.54
C SER B 298 -20.63 -5.74 20.15
N SER B 299 -20.31 -4.90 21.14
CA SER B 299 -19.03 -5.05 21.87
C SER B 299 -19.16 -6.33 22.70
N ARG B 300 -18.27 -7.27 22.49
CA ARG B 300 -18.40 -8.60 23.11
C ARG B 300 -18.45 -8.52 24.63
N PRO B 301 -19.51 -9.07 25.26
CA PRO B 301 -19.64 -9.03 26.70
C PRO B 301 -18.48 -9.77 27.35
N THR B 302 -17.88 -10.72 26.63
CA THR B 302 -16.77 -11.53 27.17
C THR B 302 -15.50 -10.72 27.28
N ASN B 303 -15.47 -9.56 26.63
CA ASN B 303 -14.28 -8.68 26.66
C ASN B 303 -14.54 -7.46 27.57
N SER B 304 -13.48 -6.75 27.88
CA SER B 304 -13.53 -5.57 28.77
C SER B 304 -13.66 -4.29 27.94
N GLU B 305 -13.67 -4.40 26.63
CA GLU B 305 -13.67 -3.21 25.74
C GLU B 305 -14.73 -2.17 26.12
N THR B 306 -14.27 -0.94 26.32
CA THR B 306 -15.15 0.19 26.56
C THR B 306 -15.01 1.21 25.45
N TYR B 307 -16.06 1.96 25.21
CA TYR B 307 -15.93 3.10 24.28
C TYR B 307 -16.23 4.36 25.10
N ILE B 308 -15.24 5.24 25.22
CA ILE B 308 -15.48 6.55 25.90
C ILE B 308 -16.02 7.51 24.83
N VAL B 309 -17.20 8.05 25.07
CA VAL B 309 -17.87 8.95 24.09
C VAL B 309 -18.08 10.36 24.67
N GLY B 310 -17.41 11.33 24.07
CA GLY B 310 -17.63 12.74 24.41
C GLY B 310 -18.50 13.39 23.36
N LYS B 311 -19.55 14.08 23.79
CA LYS B 311 -20.39 14.83 22.84
C LYS B 311 -20.25 16.34 23.07
N ASN B 312 -20.06 17.14 22.02
CA ASN B 312 -20.02 18.64 22.08
C ASN B 312 -18.75 19.17 22.78
N ARG B 313 -17.64 19.18 22.06
CA ARG B 313 -16.38 19.75 22.58
C ARG B 313 -16.60 21.24 22.94
N LEU B 314 -16.50 21.57 24.23
CA LEU B 314 -16.77 22.96 24.68
C LEU B 314 -15.52 23.82 24.45
N ARG B 315 -14.35 23.35 24.86
CA ARG B 315 -13.12 24.16 24.72
C ARG B 315 -12.02 23.30 24.10
N LEU B 316 -11.01 23.95 23.50
CA LEU B 316 -9.87 23.21 22.92
C LEU B 316 -8.72 23.24 23.94
N PHE B 317 -7.54 22.75 23.57
CA PHE B 317 -6.43 22.70 24.53
C PHE B 317 -5.82 24.05 24.68
N THR B 318 -5.33 24.34 25.89
CA THR B 318 -4.59 25.59 26.11
C THR B 318 -3.14 25.28 25.81
N PRO B 319 -2.37 26.18 25.15
CA PRO B 319 -1.00 25.87 24.77
C PRO B 319 -0.25 25.05 25.83
N LYS B 320 -0.42 25.40 27.11
CA LYS B 320 0.36 24.73 28.17
C LYS B 320 -0.16 23.30 28.37
N GLU B 321 -1.47 23.11 28.33
CA GLU B 321 -2.08 21.78 28.43
C GLU B 321 -1.54 20.88 27.31
N GLU B 322 -1.39 21.43 26.11
CA GLU B 322 -0.87 20.65 24.97
C GLU B 322 0.59 20.24 25.22
N GLN B 323 1.39 21.16 25.75
CA GLN B 323 2.83 20.86 25.93
C GLN B 323 2.99 19.84 27.06
N VAL B 324 2.13 19.94 28.07
CA VAL B 324 2.21 19.03 29.24
C VAL B 324 1.77 17.60 28.85
N LEU B 325 0.75 17.50 28.01
CA LEU B 325 0.24 16.16 27.67
C LEU B 325 1.13 15.50 26.62
N LEU B 326 1.76 16.30 25.76
CA LEU B 326 2.66 15.76 24.71
C LEU B 326 4.00 15.33 25.32
N LYS B 327 4.45 16.02 26.37
CA LYS B 327 5.67 15.59 27.10
C LYS B 327 5.38 14.29 27.86
N ARG B 328 4.17 14.15 28.38
CA ARG B 328 3.77 12.88 29.06
C ARG B 328 3.82 11.74 28.05
N LEU B 329 3.34 11.95 26.84
CA LEU B 329 3.44 10.91 25.79
C LEU B 329 4.92 10.64 25.47
N GLU B 330 5.74 11.68 25.36
CA GLU B 330 7.17 11.51 25.03
C GLU B 330 7.87 10.69 26.12
N PHE B 331 7.75 11.10 27.37
CA PHE B 331 8.37 10.35 28.49
C PHE B 331 7.22 9.82 29.32
N PHE B 332 6.71 8.65 28.97
CA PHE B 332 5.48 8.15 29.61
C PHE B 332 5.66 7.58 31.01
N ASN B 333 4.71 7.91 31.86
CA ASN B 333 4.67 7.35 33.23
C ASN B 333 3.19 7.02 33.47
N ASP B 334 2.92 6.03 34.33
CA ASP B 334 1.54 5.59 34.62
C ASP B 334 0.95 6.54 35.67
N THR B 335 1.72 7.53 36.07
CA THR B 335 1.32 8.45 37.15
C THR B 335 0.07 9.19 36.77
N PRO B 336 -0.77 9.55 37.76
CA PRO B 336 -2.01 10.24 37.49
C PRO B 336 -1.84 11.68 37.01
N LEU B 337 -2.44 12.01 35.88
CA LEU B 337 -2.34 13.36 35.27
C LEU B 337 -2.97 14.47 36.14
N VAL B 338 -3.97 14.13 36.92
CA VAL B 338 -4.66 15.12 37.79
C VAL B 338 -4.79 14.57 39.22
N ASP B 339 -5.22 15.42 40.16
CA ASP B 339 -5.53 14.97 41.55
C ASP B 339 -6.93 14.35 41.54
N LEU B 340 -7.02 13.03 41.62
CA LEU B 340 -8.30 12.28 41.54
C LEU B 340 -9.24 12.73 42.64
N SER B 341 -8.71 13.10 43.80
CA SER B 341 -9.50 13.62 44.94
C SER B 341 -10.42 14.77 44.52
N LEU B 342 -10.10 15.46 43.43
CA LEU B 342 -10.94 16.59 42.94
C LEU B 342 -12.08 16.11 42.01
N TYR B 343 -12.16 14.82 41.71
CA TYR B 343 -13.24 14.24 40.87
C TYR B 343 -13.87 12.99 41.51
N GLN B 344 -14.24 13.04 42.77
CA GLN B 344 -14.91 11.91 43.49
C GLN B 344 -16.22 11.49 42.82
N ASN B 345 -17.13 12.43 42.58
CA ASN B 345 -18.42 12.19 41.90
C ASN B 345 -18.21 11.51 40.55
N LEU B 346 -17.19 11.94 39.79
CA LEU B 346 -16.90 11.36 38.45
C LEU B 346 -16.37 9.93 38.63
N LEU B 347 -15.43 9.73 39.54
CA LEU B 347 -14.86 8.39 39.80
C LEU B 347 -15.96 7.45 40.31
N GLU B 348 -16.96 7.97 41.00
CA GLU B 348 -18.12 7.18 41.50
C GLU B 348 -19.01 6.75 40.31
N SER B 349 -19.22 7.60 39.34
CA SER B 349 -19.97 7.22 38.12
C SER B 349 -19.18 6.22 37.27
N VAL B 350 -17.86 6.35 37.20
CA VAL B 350 -16.99 5.40 36.46
C VAL B 350 -16.93 4.05 37.19
N TYR B 351 -16.99 4.04 38.52
CA TYR B 351 -17.02 2.76 39.29
C TYR B 351 -18.32 2.04 38.99
N PHE B 352 -19.39 2.81 38.83
CA PHE B 352 -20.70 2.23 38.48
C PHE B 352 -20.57 1.52 37.15
N ALA B 353 -19.96 2.18 36.17
CA ALA B 353 -19.79 1.62 34.82
C ALA B 353 -19.00 0.32 34.86
N VAL B 354 -17.97 0.26 35.69
CA VAL B 354 -17.08 -0.92 35.80
C VAL B 354 -17.83 -2.05 36.52
N GLU B 355 -18.64 -1.69 37.49
CA GLU B 355 -19.46 -2.68 38.21
C GLU B 355 -20.47 -3.24 37.21
N THR B 356 -21.04 -2.39 36.37
CA THR B 356 -22.05 -2.81 35.39
C THR B 356 -21.45 -3.60 34.23
N ILE B 357 -20.36 -3.14 33.61
CA ILE B 357 -19.80 -3.76 32.36
C ILE B 357 -18.84 -4.92 32.67
N HIS B 358 -18.02 -4.77 33.69
CA HIS B 358 -16.96 -5.76 33.99
C HIS B 358 -17.35 -6.67 35.14
N LEU B 359 -17.51 -6.11 36.33
CA LEU B 359 -17.77 -6.92 37.55
C LEU B 359 -19.07 -7.73 37.46
N LYS B 360 -20.05 -7.26 36.70
CA LYS B 360 -21.36 -7.94 36.57
C LYS B 360 -21.49 -8.59 35.19
N GLN B 361 -21.50 -7.82 34.11
CA GLN B 361 -21.76 -8.41 32.76
C GLN B 361 -20.60 -9.28 32.25
N GLN B 362 -19.37 -8.78 32.27
CA GLN B 362 -18.24 -9.53 31.66
C GLN B 362 -17.94 -10.81 32.48
N ILE B 363 -18.08 -10.75 33.79
CA ILE B 363 -17.76 -11.92 34.66
C ILE B 363 -18.80 -13.02 34.42
N GLU B 364 -20.06 -12.65 34.21
CA GLU B 364 -21.17 -13.59 33.95
C GLU B 364 -21.06 -14.25 32.58
N PHE B 365 -20.69 -13.51 31.56
CA PHE B 365 -20.54 -14.05 30.18
C PHE B 365 -19.26 -14.85 30.09
N LEU B 366 -18.25 -14.47 30.85
CA LEU B 366 -17.00 -15.25 30.92
C LEU B 366 -17.34 -16.54 31.63
N ASN B 367 -18.09 -16.45 32.71
CA ASN B 367 -18.54 -17.64 33.49
C ASN B 367 -19.34 -18.54 32.54
N PHE B 368 -20.19 -17.94 31.70
CA PHE B 368 -21.00 -18.70 30.72
C PHE B 368 -20.13 -19.35 29.65
N GLY B 369 -19.10 -18.67 29.17
CA GLY B 369 -18.24 -19.17 28.09
C GLY B 369 -17.30 -20.24 28.54
N MET B 370 -16.95 -20.23 29.81
CA MET B 370 -16.10 -21.28 30.41
C MET B 370 -16.94 -22.55 30.56
N LYS B 371 -18.22 -22.40 30.91
CA LYS B 371 -19.14 -23.54 31.07
C LYS B 371 -19.55 -24.02 29.67
N CYS B 372 -19.57 -23.11 28.71
CA CYS B 372 -19.84 -23.49 27.32
C CYS B 372 -18.66 -24.33 26.83
N TYR B 373 -17.43 -23.93 27.19
CA TYR B 373 -16.20 -24.67 26.83
C TYR B 373 -16.15 -26.04 27.50
N ARG B 374 -16.55 -26.12 28.77
CA ARG B 374 -16.44 -27.38 29.52
C ARG B 374 -17.42 -28.41 28.98
N HIS B 375 -18.43 -27.96 28.27
CA HIS B 375 -19.51 -28.89 27.82
C HIS B 375 -19.48 -29.03 26.30
N PHE B 376 -18.71 -28.18 25.61
CA PHE B 376 -18.73 -28.17 24.13
C PHE B 376 -17.36 -27.87 23.51
N TYR B 377 -16.27 -28.12 24.23
CA TYR B 377 -14.91 -27.97 23.62
C TYR B 377 -14.83 -28.93 22.44
N ASN B 378 -15.54 -30.05 22.52
CA ASN B 378 -15.56 -31.08 21.46
C ASN B 378 -16.92 -31.09 20.74
N LYS B 379 -17.80 -30.13 21.00
CA LYS B 379 -19.16 -30.07 20.41
C LYS B 379 -19.50 -28.64 19.96
N ILE B 380 -18.61 -27.98 19.22
CA ILE B 380 -18.80 -26.56 18.80
C ILE B 380 -20.06 -26.44 17.96
N LYS B 381 -20.22 -27.33 16.98
CA LYS B 381 -21.44 -27.33 16.14
C LYS B 381 -22.67 -27.40 17.05
N LEU B 382 -22.67 -28.31 18.02
CA LEU B 382 -23.85 -28.51 18.91
C LEU B 382 -24.17 -27.23 19.71
N LEU B 383 -23.15 -26.52 20.22
CA LEU B 383 -23.36 -25.27 20.99
C LEU B 383 -24.04 -24.25 20.08
N ASN B 384 -23.53 -24.10 18.87
CA ASN B 384 -24.05 -23.13 17.86
C ASN B 384 -25.48 -23.48 17.46
N ASP B 385 -25.84 -24.75 17.47
CA ASP B 385 -27.20 -25.20 17.10
C ASP B 385 -28.18 -24.85 18.21
N TYR B 386 -27.75 -24.91 19.47
CA TYR B 386 -28.62 -24.52 20.60
C TYR B 386 -28.72 -23.01 20.75
N LEU B 387 -27.70 -22.25 20.34
CA LEU B 387 -27.68 -20.79 20.59
C LEU B 387 -28.25 -20.00 19.41
N ALA B 388 -28.44 -20.65 18.28
CA ALA B 388 -28.90 -19.94 17.07
C ALA B 388 -30.24 -19.27 17.37
N PRO B 389 -31.17 -19.95 18.05
CA PRO B 389 -32.41 -19.31 18.44
C PRO B 389 -32.27 -18.04 19.29
N LYS B 390 -31.37 -18.07 20.26
CA LYS B 390 -31.15 -16.91 21.15
C LYS B 390 -30.40 -15.82 20.36
N LYS B 391 -29.47 -16.21 19.50
CA LYS B 391 -28.74 -15.24 18.65
C LYS B 391 -29.72 -14.46 17.76
N LYS B 392 -30.71 -15.13 17.16
CA LYS B 392 -31.68 -14.48 16.25
C LYS B 392 -32.54 -13.49 17.06
N ILE B 393 -32.84 -13.84 18.30
CA ILE B 393 -33.59 -12.90 19.18
C ILE B 393 -32.77 -11.62 19.40
N PHE B 394 -31.46 -11.75 19.56
CA PHE B 394 -30.58 -10.58 19.85
C PHE B 394 -30.38 -9.75 18.59
N GLN B 395 -30.23 -10.40 17.43
CA GLN B 395 -29.98 -9.70 16.15
C GLN B 395 -31.24 -8.94 15.71
N ASP B 396 -32.41 -9.50 15.97
CA ASP B 396 -33.70 -8.86 15.59
C ASP B 396 -33.91 -7.65 16.51
N ARG B 397 -33.45 -7.74 17.75
CA ARG B 397 -33.53 -6.61 18.71
C ARG B 397 -32.62 -5.47 18.23
N TRP B 398 -31.40 -5.79 17.81
CA TRP B 398 -30.43 -4.81 17.30
C TRP B 398 -30.98 -4.15 16.01
N ARG B 399 -31.79 -4.89 15.25
CA ARG B 399 -32.38 -4.39 13.99
C ARG B 399 -33.57 -3.46 14.29
N VAL B 400 -34.28 -3.71 15.38
CA VAL B 400 -35.45 -2.89 15.77
C VAL B 400 -34.95 -1.60 16.44
N LEU B 401 -33.81 -1.67 17.11
CA LEU B 401 -33.28 -0.49 17.83
C LEU B 401 -32.12 0.16 17.05
N ASN B 402 -31.73 -0.41 15.92
CA ASN B 402 -30.66 0.17 15.06
C ASN B 402 -31.16 0.06 13.62
N LYS B 403 -32.00 1.01 13.20
CA LYS B 403 -32.64 0.98 11.86
C LYS B 403 -31.58 0.95 10.75
N LEU B 404 -31.75 0.05 9.79
CA LEU B 404 -30.78 -0.11 8.67
C LEU B 404 -31.44 0.21 7.32
N TYR B 405 -30.68 0.86 6.44
CA TYR B 405 -31.18 1.23 5.08
C TYR B 405 -30.11 0.85 4.10
N VAL B 406 -30.55 0.45 2.92
CA VAL B 406 -29.61 0.05 1.83
C VAL B 406 -28.79 1.27 1.35
N LEU B 407 -27.49 1.09 1.26
CA LEU B 407 -26.59 2.15 0.76
C LEU B 407 -26.55 2.10 -0.77
N GLU B 408 -26.63 3.28 -1.41
CA GLU B 408 -26.55 3.36 -2.87
C GLU B 408 -25.10 3.13 -3.31
N LYS B 409 -24.93 2.51 -4.46
CA LYS B 409 -23.60 2.21 -4.99
C LYS B 409 -22.76 3.48 -5.14
N LYS B 410 -23.41 4.58 -5.47
CA LYS B 410 -22.70 5.87 -5.65
C LYS B 410 -22.14 6.36 -4.30
N HIS B 411 -22.77 5.98 -3.20
CA HIS B 411 -22.33 6.48 -1.87
C HIS B 411 -21.50 5.40 -1.15
N LYS B 412 -21.05 4.39 -1.89
CA LYS B 412 -20.20 3.32 -1.33
C LYS B 412 -18.70 3.68 -1.43
N LEU B 413 -17.89 3.13 -0.54
CA LEU B 413 -16.44 3.44 -0.48
C LEU B 413 -15.64 2.71 -1.57
N LYS B 414 -14.65 3.39 -2.14
CA LYS B 414 -13.76 2.75 -3.13
C LYS B 414 -12.90 1.77 -2.36
N LEU B 415 -13.12 0.50 -2.63
CA LEU B 415 -12.34 -0.56 -1.95
C LEU B 415 -11.41 -1.21 -2.99
N CYS B 416 -10.20 -1.55 -2.59
CA CYS B 416 -9.19 -2.11 -3.53
C CYS B 416 -8.88 -3.56 -3.12
N SAM C . 9.44 4.10 -14.50
CA SAM C . 9.31 4.28 -15.97
C SAM C . 9.57 5.74 -16.33
O SAM C . 10.23 5.97 -17.36
OXT SAM C . 9.12 6.61 -15.55
CB SAM C . 7.91 3.89 -16.45
CG SAM C . 7.72 2.40 -16.68
SD SAM C . 7.45 1.57 -15.10
CE SAM C . 8.83 0.45 -15.03
C5' SAM C . 6.10 0.48 -15.60
C4' SAM C . 5.18 1.16 -16.59
O4' SAM C . 4.48 0.15 -17.36
C3' SAM C . 4.10 2.07 -15.99
O3' SAM C . 4.14 3.35 -16.59
C2' SAM C . 2.79 1.33 -16.31
O2' SAM C . 1.71 2.20 -16.54
C1' SAM C . 3.19 0.64 -17.60
N9 SAM C . 2.31 -0.47 -17.98
C8 SAM C . 2.27 -1.73 -17.43
N7 SAM C . 1.36 -2.49 -17.98
C5 SAM C . 0.76 -1.69 -18.94
C6 SAM C . -0.27 -1.93 -19.87
N6 SAM C . -0.91 -3.09 -19.99
N1 SAM C . -0.61 -0.90 -20.69
C2 SAM C . 0.03 0.25 -20.57
N3 SAM C . 1.02 0.60 -19.75
C4 SAM C . 1.34 -0.44 -18.95
N SAM D . -11.10 -3.26 13.85
CA SAM D . -11.08 -1.78 13.75
C SAM D . -11.72 -1.34 12.43
O SAM D . -11.02 -1.28 11.45
OXT SAM D . -12.88 -1.06 12.45
CB SAM D . -9.63 -1.28 13.85
CG SAM D . -9.09 -1.32 15.25
SD SAM D . -8.23 -2.86 15.58
CE SAM D . -9.07 -3.41 17.06
C5' SAM D . -6.71 -2.15 16.23
C4' SAM D . -6.10 -1.23 15.20
O4' SAM D . -5.16 -0.35 15.85
C3' SAM D . -5.33 -1.92 14.07
O3' SAM D . -5.73 -1.39 12.82
C2' SAM D . -3.87 -1.64 14.40
O2' SAM D . -3.04 -1.54 13.25
C1' SAM D . -3.98 -0.28 15.08
N9 SAM D . -2.86 0.00 15.97
C8 SAM D . -2.21 -0.86 16.80
N7 SAM D . -1.23 -0.32 17.47
C5 SAM D . -1.23 1.00 17.06
C6 SAM D . -0.43 2.10 17.39
N6 SAM D . 0.57 2.07 18.26
N1 SAM D . -0.71 3.27 16.77
C2 SAM D . -1.72 3.32 15.90
N3 SAM D . -2.53 2.35 15.50
C4 SAM D . -2.24 1.21 16.12
#